data_9BUE
#
_entry.id   9BUE
#
_cell.length_a   1.00
_cell.length_b   1.00
_cell.length_c   1.00
_cell.angle_alpha   90.00
_cell.angle_beta   90.00
_cell.angle_gamma   90.00
#
_symmetry.space_group_name_H-M   'P 1'
#
loop_
_entity.id
_entity.type
_entity.pdbx_description
1 polymer 'Guanine nucleotide-binding protein G(s) subunit alpha isoforms short'
2 polymer 'Guanine nucleotide-binding protein G(I)/G(S)/G(T) subunit beta-1'
3 polymer 'Guanine nucleotide-binding protein G(I)/G(S)/G(O) subunit gamma-2'
4 polymer 'Nanobody 35'
5 polymer Cagrilintide
6 polymer 'Calcitonin receptor'
#
loop_
_entity_poly.entity_id
_entity_poly.type
_entity_poly.pdbx_seq_one_letter_code
_entity_poly.pdbx_strand_id
1 'polypeptide(L)'
;MGCLGNSKTEDQRNEEKAQREANKKIEKQLQKDKQVYRATHRLLLLGAGESGKNTIVKQMRILHVNGFNGEGGEEDPQAA
RSNSDGEKATKVQDIKNNLKEAIETIVAAMSNLVPPVELANPENQFRVDYILSVMNVPDFDFPPEFYEHAKALWEDEGVR
ACYERSNEYQLIDCAQYFLDKIDVIKQADYVPSDQDLLRCRVLTSGIFETKFQVDKVNFHMFDVGAQRDERRKWIQCFND
VTAIIFVVASSSYNMVIREDNQTNRLQAALKLFDSIWNNKWLRDTSVILFLNKQDLLAEKVLAGKSKIEDYFPEFARYTT
PEDATPEPGEDPRVTRAKYFIRDEFLRISTASGDGRHYCYPHFTCSVDTENIRRVFNDCRDIIQRMHLRQYELL
;
A
2 'polypeptide(L)'
;MHHHHHHGSSGSELDQLRQEAEQLKNQIRDARKACADATLSQITNNIDPVGRIQMRTRRTLRGHLAKIYAMHWGTDSRLL
VSASQDGKLIIWDSYTTNKVHAIPLRSSWVMTCAYAPSGNYVACGGLDNICSIYNLKTREGNVRVSRELAGHTGYLSCCR
FLDDNQIVTSSGDTTCALWDIETGQQTTTFTGHTGDVMSLSLAPDTRLFVSGACDASAKLWDVREGMCRQTFTGHESDIN
AICFFPNGNAFATGSDDATCRLFDLRADQELMTYSHDNIICGITSVSFSKSGRLLLAGYDDFNCNVWDALKADRAGVLAG
HDNRVSCLGVTDDGMAVATGSWDSFLKIWN
;
B
3 'polypeptide(L)' MASNNTASIAQARKLVEQLKMEANIDRIKVSKAAADLMAYCEAHAKEDPLLTPVPASENPFREKKFFCAIL G
4 'polypeptide(L)'
;QVQLQESGGGLVQPGGSLRLSCAASGFTFSNYKMNWVRQAPGKGLEWVSDISQSGASISYTGSVKGRFTISRDNAKNTLY
LQMNSLKPEDTAVYYCARCPAPFTRDCFDVTSTTYAYRGQGTQVTVSSHHHHHHEPEA
;
N
5 'polypeptide(L)' KCNTATCATQRLAEFLRHSSNNFGPILPPTNVGSNTP(NH2) P
6 'polypeptide(L)'
;GPAAFSNQTYPTIEPKPFLYVVGRKKMMDAQYKCYDRMQQLPAYQGEGPYCNRTWDGWLCWDDTPAGVLSYQFCPDYFPD
FDPSEKVTKYCDEKGVWFKHPENNRTWSNYTMCNAFTPEKLKNAYVLYYLAIVGHSLSIFTLVISLGIFVFFRSLGCQRV
TLHKNMFLTYILNSMIIIIHLVEVVPNGELVRRDPVSCKILHFFHQYMMACNYFWMLCEGIYLHTLIVVAVFTEKQRLRW
YYLLGWGFPLVPTTIHAITRAVYFNDNCWLSVETHLLYIIHGPVMAALVVNFFFLLNIVRVLVTKMRETHEAESHMYLKA
VKATMILVPLLGIQFVVFPWRPSNKMLGKIYDYVMHSLIHFQGFFVATIYCFCNNEVQTTVKRQWAQFKIQWNQRWGRRP
SNRSARAAAAAAEAGDIPIYICHQELRNEPANNQGEESAEIIPLNIIEQESSAPAGLEVLFQ
;
R
#
# COMPACT_ATOMS: atom_id res chain seq x y z
N ASP A 11 -46.95 2.46 2.89
CA ASP A 11 -46.07 2.04 3.97
C ASP A 11 -44.63 1.97 3.50
N GLN A 12 -43.70 1.78 4.45
CA GLN A 12 -42.29 1.69 4.15
C GLN A 12 -41.70 0.30 4.43
N ARG A 13 -42.46 -0.59 5.05
CA ARG A 13 -41.93 -1.92 5.36
C ARG A 13 -41.58 -2.70 4.10
N ASN A 14 -42.49 -2.70 3.12
CA ASN A 14 -42.23 -3.43 1.87
C ASN A 14 -41.10 -2.80 1.08
N GLU A 15 -41.04 -1.46 1.03
CA GLU A 15 -39.93 -0.81 0.35
C GLU A 15 -38.60 -1.17 1.01
N GLU A 16 -38.56 -1.15 2.35
CA GLU A 16 -37.33 -1.51 3.06
C GLU A 16 -36.94 -2.96 2.80
N LYS A 17 -37.92 -3.86 2.80
CA LYS A 17 -37.65 -5.27 2.53
C LYS A 17 -37.08 -5.47 1.13
N ALA A 18 -37.72 -4.83 0.13
CA ALA A 18 -37.24 -4.94 -1.24
C ALA A 18 -35.83 -4.38 -1.38
N GLN A 19 -35.56 -3.24 -0.73
CA GLN A 19 -34.22 -2.67 -0.77
C GLN A 19 -33.21 -3.59 -0.12
N ARG A 20 -33.59 -4.23 0.99
CA ARG A 20 -32.69 -5.15 1.66
C ARG A 20 -32.35 -6.34 0.78
N GLU A 21 -33.36 -6.92 0.12
CA GLU A 21 -33.09 -8.07 -0.74
C GLU A 21 -32.29 -7.68 -1.98
N ALA A 22 -32.55 -6.49 -2.54
CA ALA A 22 -31.74 -6.02 -3.66
C ALA A 22 -30.30 -5.80 -3.23
N ASN A 23 -30.09 -5.24 -2.03
CA ASN A 23 -28.75 -5.07 -1.50
C ASN A 23 -28.06 -6.41 -1.34
N LYS A 24 -28.79 -7.42 -0.83
CA LYS A 24 -28.20 -8.74 -0.65
C LYS A 24 -27.78 -9.35 -1.98
N LYS A 25 -28.66 -9.26 -2.98
CA LYS A 25 -28.33 -9.81 -4.30
C LYS A 25 -27.14 -9.11 -4.93
N ILE A 26 -27.12 -7.78 -4.86
CA ILE A 26 -26.02 -7.02 -5.43
C ILE A 26 -24.73 -7.31 -4.69
N GLU A 27 -24.81 -7.49 -3.37
CA GLU A 27 -23.62 -7.84 -2.59
C GLU A 27 -23.10 -9.22 -2.96
N LYS A 28 -24.00 -10.18 -3.19
CA LYS A 28 -23.56 -11.51 -3.63
C LYS A 28 -22.87 -11.44 -4.98
N GLN A 29 -23.45 -10.65 -5.91
CA GLN A 29 -22.80 -10.48 -7.21
C GLN A 29 -21.44 -9.80 -7.07
N LEU A 30 -21.34 -8.83 -6.15
CA LEU A 30 -20.07 -8.15 -5.93
C LEU A 30 -19.04 -9.10 -5.33
N GLN A 31 -19.46 -10.00 -4.43
CA GLN A 31 -18.52 -10.99 -3.90
C GLN A 31 -18.06 -11.94 -4.99
N LYS A 32 -18.97 -12.36 -5.88
CA LYS A 32 -18.56 -13.21 -7.00
C LYS A 32 -17.55 -12.49 -7.90
N ASP A 33 -17.82 -11.22 -8.22
CA ASP A 33 -16.90 -10.45 -9.05
C ASP A 33 -15.60 -10.13 -8.32
N LYS A 34 -15.61 -10.12 -6.99
CA LYS A 34 -14.38 -9.95 -6.23
C LYS A 34 -13.54 -11.22 -6.27
N GLN A 35 -14.20 -12.38 -6.17
CA GLN A 35 -13.49 -13.65 -6.33
C GLN A 35 -12.88 -13.75 -7.73
N VAL A 36 -13.62 -13.33 -8.75
CA VAL A 36 -13.10 -13.37 -10.11
C VAL A 36 -11.98 -12.35 -10.30
N TYR A 37 -12.15 -11.15 -9.74
CA TYR A 37 -11.24 -10.04 -10.02
C TYR A 37 -9.87 -10.26 -9.38
N ARG A 38 -9.84 -10.77 -8.15
CA ARG A 38 -8.57 -10.94 -7.45
C ARG A 38 -7.73 -12.08 -8.00
N ALA A 39 -8.28 -12.90 -8.89
CA ALA A 39 -7.55 -14.02 -9.47
C ALA A 39 -6.78 -13.65 -10.73
N THR A 40 -6.90 -12.41 -11.21
CA THR A 40 -6.21 -11.96 -12.41
C THR A 40 -5.29 -10.79 -12.08
N HIS A 41 -4.22 -10.66 -12.84
CA HIS A 41 -3.23 -9.60 -12.65
C HIS A 41 -3.25 -8.68 -13.87
N ARG A 42 -3.29 -7.38 -13.61
CA ARG A 42 -3.33 -6.38 -14.67
C ARG A 42 -1.91 -5.95 -15.03
N LEU A 43 -1.62 -5.90 -16.33
CA LEU A 43 -0.31 -5.50 -16.84
C LEU A 43 -0.49 -4.39 -17.85
N LEU A 44 0.40 -3.40 -17.80
CA LEU A 44 0.38 -2.26 -18.70
C LEU A 44 1.55 -2.36 -19.66
N LEU A 45 1.26 -2.39 -20.96
CA LEU A 45 2.30 -2.43 -21.98
C LEU A 45 2.57 -1.01 -22.45
N LEU A 46 3.78 -0.51 -22.20
CA LEU A 46 4.16 0.86 -22.51
C LEU A 46 5.50 0.87 -23.22
N GLY A 47 5.68 1.84 -24.11
CA GLY A 47 6.92 1.98 -24.84
C GLY A 47 6.79 3.02 -25.92
N ALA A 48 7.93 3.35 -26.52
CA ALA A 48 7.97 4.33 -27.59
C ALA A 48 7.57 3.68 -28.92
N GLY A 49 7.40 4.53 -29.93
CA GLY A 49 7.04 4.03 -31.25
C GLY A 49 8.19 3.28 -31.90
N GLU A 50 7.82 2.41 -32.85
CA GLU A 50 8.78 1.58 -33.59
C GLU A 50 9.64 0.75 -32.63
N SER A 51 9.00 0.19 -31.60
CA SER A 51 9.67 -0.63 -30.60
C SER A 51 9.38 -2.11 -30.76
N GLY A 52 8.53 -2.50 -31.71
CA GLY A 52 8.19 -3.89 -31.89
C GLY A 52 7.13 -4.43 -30.97
N LYS A 53 6.50 -3.57 -30.16
CA LYS A 53 5.44 -4.04 -29.27
C LYS A 53 4.21 -4.51 -30.05
N ASN A 54 4.00 -3.97 -31.26
CA ASN A 54 2.86 -4.39 -32.06
C ASN A 54 2.97 -5.86 -32.47
N THR A 55 4.20 -6.36 -32.64
CA THR A 55 4.36 -7.79 -32.93
C THR A 55 3.87 -8.66 -31.79
N ILE A 56 4.18 -8.26 -30.55
CA ILE A 56 3.69 -9.00 -29.39
C ILE A 56 2.18 -8.85 -29.25
N VAL A 57 1.66 -7.65 -29.55
CA VAL A 57 0.22 -7.41 -29.44
C VAL A 57 -0.54 -8.28 -30.42
N LYS A 58 -0.04 -8.39 -31.66
CA LYS A 58 -0.71 -9.19 -32.68
C LYS A 58 -0.75 -10.67 -32.31
N GLN A 59 0.22 -11.13 -31.51
CA GLN A 59 0.24 -12.53 -31.09
C GLN A 59 -1.00 -12.88 -30.27
N MET A 60 -1.40 -12.00 -29.36
CA MET A 60 -2.56 -12.19 -28.51
C MET A 60 -2.50 -13.50 -27.73
N THR A 204 -10.32 4.47 -34.06
CA THR A 204 -9.72 3.44 -33.22
C THR A 204 -10.20 3.55 -31.78
N SER A 205 -10.00 2.49 -31.00
CA SER A 205 -10.41 2.47 -29.61
C SER A 205 -9.35 3.12 -28.74
N GLY A 206 -9.59 3.13 -27.43
CA GLY A 206 -8.66 3.72 -26.49
C GLY A 206 -7.67 2.72 -25.92
N ILE A 207 -8.17 1.56 -25.50
CA ILE A 207 -7.34 0.52 -24.90
C ILE A 207 -7.68 -0.81 -25.56
N PHE A 208 -6.66 -1.53 -25.99
CA PHE A 208 -6.82 -2.86 -26.57
C PHE A 208 -6.57 -3.91 -25.50
N GLU A 209 -7.57 -4.75 -25.25
CA GLU A 209 -7.47 -5.77 -24.21
C GLU A 209 -6.89 -7.06 -24.79
N THR A 210 -5.97 -7.67 -24.04
CA THR A 210 -5.32 -8.91 -24.43
C THR A 210 -5.48 -9.91 -23.28
N LYS A 211 -6.46 -10.80 -23.40
CA LYS A 211 -6.74 -11.80 -22.37
C LYS A 211 -5.95 -13.07 -22.68
N PHE A 212 -4.85 -13.27 -21.96
CA PHE A 212 -4.02 -14.45 -22.11
C PHE A 212 -3.71 -15.03 -20.74
N GLN A 213 -3.55 -16.34 -20.68
CA GLN A 213 -3.31 -17.04 -19.43
C GLN A 213 -2.17 -18.05 -19.61
N VAL A 214 -1.49 -18.35 -18.51
CA VAL A 214 -0.39 -19.31 -18.50
C VAL A 214 -0.28 -19.89 -17.10
N ASP A 215 -0.10 -21.22 -17.03
CA ASP A 215 0.04 -21.93 -15.76
C ASP A 215 -1.15 -21.70 -14.85
N LYS A 216 -2.36 -21.73 -15.44
CA LYS A 216 -3.62 -21.56 -14.71
C LYS A 216 -3.68 -20.21 -13.99
N VAL A 217 -3.00 -19.20 -14.53
CA VAL A 217 -3.00 -17.85 -13.98
C VAL A 217 -3.47 -16.90 -15.07
N ASN A 218 -4.49 -16.10 -14.76
CA ASN A 218 -5.07 -15.17 -15.71
C ASN A 218 -4.30 -13.85 -15.69
N PHE A 219 -3.91 -13.39 -16.86
CA PHE A 219 -3.21 -12.12 -17.02
C PHE A 219 -4.01 -11.21 -17.93
N HIS A 220 -4.06 -9.93 -17.58
CA HIS A 220 -4.82 -8.92 -18.33
C HIS A 220 -3.85 -7.82 -18.75
N MET A 221 -3.38 -7.87 -20.00
CA MET A 221 -2.48 -6.86 -20.55
C MET A 221 -3.28 -5.83 -21.32
N PHE A 222 -3.00 -4.55 -21.04
CA PHE A 222 -3.83 -3.39 -21.43
C PHE A 222 -2.97 -2.36 -22.18
N ASP A 223 -2.72 -2.56 -23.47
CA ASP A 223 -1.93 -1.59 -24.29
C ASP A 223 -2.67 -0.27 -24.36
N VAL A 224 -1.98 0.86 -24.22
CA VAL A 224 -2.66 2.20 -24.15
C VAL A 224 -2.22 3.07 -25.33
N GLY A 225 -2.04 2.47 -26.51
CA GLY A 225 -1.49 3.22 -27.67
C GLY A 225 -2.32 4.39 -28.15
N ALA A 226 -3.64 4.27 -28.20
CA ALA A 226 -4.49 5.33 -28.82
C ALA A 226 -4.41 6.69 -28.13
N GLN A 227 -4.18 6.73 -26.82
CA GLN A 227 -4.21 8.03 -26.08
C GLN A 227 -3.09 8.95 -26.58
N ARG A 228 -3.22 10.26 -26.37
CA ARG A 228 -2.25 11.24 -26.91
C ARG A 228 -0.89 11.13 -26.22
N ASP A 229 0.15 11.75 -26.79
CA ASP A 229 1.53 11.59 -26.27
C ASP A 229 1.62 12.05 -24.82
N GLU A 230 0.96 13.15 -24.46
CA GLU A 230 1.12 13.59 -23.05
C GLU A 230 0.57 12.46 -22.18
N ARG A 231 1.38 11.93 -21.28
CA ARG A 231 0.94 10.75 -20.47
C ARG A 231 0.87 11.12 -19.00
N ARG A 232 1.08 12.39 -18.66
CA ARG A 232 1.13 12.75 -17.22
C ARG A 232 -0.22 12.49 -16.55
N LYS A 233 -1.33 12.70 -17.25
CA LYS A 233 -2.66 12.58 -16.60
C LYS A 233 -3.32 11.20 -16.73
N TRP A 234 -2.78 10.28 -17.54
CA TRP A 234 -3.46 8.97 -17.73
C TRP A 234 -2.56 7.82 -17.29
N ILE A 235 -1.35 8.15 -16.85
CA ILE A 235 -0.38 7.24 -16.27
C ILE A 235 -0.65 7.00 -14.79
N GLN A 236 -1.40 7.90 -14.14
CA GLN A 236 -1.72 7.72 -12.74
C GLN A 236 -2.73 6.60 -12.51
N CYS A 237 -3.44 6.17 -13.56
CA CYS A 237 -4.42 5.11 -13.41
C CYS A 237 -3.77 3.75 -13.17
N PHE A 238 -2.60 3.52 -13.76
CA PHE A 238 -1.92 2.23 -13.66
C PHE A 238 -0.99 2.19 -12.44
N ASN A 239 -1.59 2.43 -11.28
CA ASN A 239 -0.88 2.37 -10.01
C ASN A 239 -1.19 1.11 -9.20
N ASP A 240 -2.21 0.35 -9.59
CA ASP A 240 -2.55 -0.90 -8.94
C ASP A 240 -2.17 -2.13 -9.75
N VAL A 241 -1.53 -1.94 -10.90
CA VAL A 241 -1.14 -3.07 -11.74
C VAL A 241 0.00 -3.83 -11.10
N THR A 242 0.07 -5.14 -11.40
CA THR A 242 1.16 -5.95 -10.88
C THR A 242 2.50 -5.51 -11.42
N ALA A 243 2.58 -5.23 -12.72
CA ALA A 243 3.83 -4.79 -13.34
C ALA A 243 3.50 -3.98 -14.58
N ILE A 244 4.49 -3.21 -15.02
CA ILE A 244 4.38 -2.40 -16.23
C ILE A 244 5.44 -2.88 -17.20
N ILE A 245 5.02 -3.42 -18.34
CA ILE A 245 5.95 -3.93 -19.34
C ILE A 245 6.46 -2.75 -20.15
N PHE A 246 7.78 -2.59 -20.19
CA PHE A 246 8.42 -1.50 -20.92
C PHE A 246 9.22 -2.08 -22.08
N VAL A 247 8.98 -1.54 -23.27
CA VAL A 247 9.66 -1.99 -24.49
C VAL A 247 10.49 -0.83 -25.03
N VAL A 248 11.76 -1.11 -25.30
CA VAL A 248 12.71 -0.09 -25.75
C VAL A 248 13.06 -0.34 -27.20
N ALA A 249 12.91 0.68 -28.03
CA ALA A 249 13.28 0.59 -29.44
C ALA A 249 14.79 0.61 -29.57
N SER A 250 15.33 -0.33 -30.34
CA SER A 250 16.77 -0.44 -30.51
C SER A 250 17.13 -1.21 -31.78
N ASN A 264 18.39 10.54 -31.34
CA ASN A 264 18.71 9.68 -30.21
C ASN A 264 17.44 9.06 -29.63
N ARG A 265 17.03 7.92 -30.18
CA ARG A 265 15.84 7.24 -29.70
C ARG A 265 16.05 6.61 -28.33
N LEU A 266 17.30 6.33 -27.95
CA LEU A 266 17.56 5.73 -26.65
C LEU A 266 17.39 6.75 -25.53
N GLN A 267 17.77 8.01 -25.78
CA GLN A 267 17.66 9.04 -24.75
C GLN A 267 16.21 9.31 -24.37
N ALA A 268 15.31 9.31 -25.36
CA ALA A 268 13.90 9.51 -25.06
C ALA A 268 13.35 8.39 -24.19
N ALA A 269 13.70 7.14 -24.50
CA ALA A 269 13.27 6.02 -23.67
C ALA A 269 13.86 6.11 -22.27
N LEU A 270 15.12 6.51 -22.16
CA LEU A 270 15.75 6.68 -20.85
C LEU A 270 15.02 7.73 -20.03
N LYS A 271 14.68 8.87 -20.66
CA LYS A 271 13.98 9.93 -19.96
C LYS A 271 12.58 9.50 -19.55
N LEU A 272 11.88 8.77 -20.42
CA LEU A 272 10.55 8.27 -20.07
C LEU A 272 10.63 7.30 -18.90
N PHE A 273 11.61 6.41 -18.90
CA PHE A 273 11.78 5.49 -17.78
C PHE A 273 12.10 6.24 -16.49
N ASP A 274 12.95 7.27 -16.59
CA ASP A 274 13.27 8.08 -15.41
C ASP A 274 12.03 8.78 -14.87
N SER A 275 11.20 9.32 -15.77
CA SER A 275 9.97 9.98 -15.33
C SER A 275 9.02 8.98 -14.67
N ILE A 276 8.91 7.77 -15.23
CA ILE A 276 8.02 6.77 -14.65
C ILE A 276 8.53 6.31 -13.29
N TRP A 277 9.84 6.15 -13.15
CA TRP A 277 10.41 5.55 -11.94
C TRP A 277 10.14 6.40 -10.70
N ASN A 278 10.32 7.71 -10.81
CA ASN A 278 10.20 8.60 -9.66
C ASN A 278 8.84 9.31 -9.60
N ASN A 279 7.86 8.84 -10.37
CA ASN A 279 6.51 9.37 -10.24
C ASN A 279 5.93 9.00 -8.88
N LYS A 280 5.25 9.97 -8.25
CA LYS A 280 4.77 9.78 -6.88
C LYS A 280 3.79 8.62 -6.80
N TRP A 281 2.81 8.58 -7.72
CA TRP A 281 1.80 7.53 -7.69
C TRP A 281 2.28 6.23 -8.33
N LEU A 282 3.44 6.24 -9.00
CA LEU A 282 3.99 5.04 -9.64
C LEU A 282 5.12 4.42 -8.83
N ARG A 283 5.32 4.86 -7.59
CA ARG A 283 6.40 4.31 -6.78
C ARG A 283 6.14 2.87 -6.38
N ASP A 284 4.88 2.50 -6.17
CA ASP A 284 4.56 1.15 -5.72
C ASP A 284 4.77 0.13 -6.84
N THR A 285 4.38 0.46 -8.05
CA THR A 285 4.44 -0.50 -9.16
C THR A 285 5.88 -0.74 -9.60
N SER A 286 6.19 -1.99 -9.91
CA SER A 286 7.45 -2.36 -10.53
C SER A 286 7.26 -2.44 -12.05
N VAL A 287 8.37 -2.35 -12.77
CA VAL A 287 8.36 -2.30 -14.22
C VAL A 287 9.22 -3.43 -14.77
N ILE A 288 8.81 -3.97 -15.92
CA ILE A 288 9.57 -5.00 -16.62
C ILE A 288 10.19 -4.38 -17.85
N LEU A 289 11.50 -4.54 -18.01
CA LEU A 289 12.23 -3.94 -19.11
C LEU A 289 12.48 -4.99 -20.19
N PHE A 290 12.09 -4.67 -21.42
CA PHE A 290 12.25 -5.54 -22.57
C PHE A 290 13.08 -4.82 -23.62
N LEU A 291 14.30 -5.30 -23.86
CA LEU A 291 15.20 -4.70 -24.85
C LEU A 291 14.93 -5.35 -26.21
N ASN A 292 13.87 -4.88 -26.86
CA ASN A 292 13.46 -5.43 -28.14
C ASN A 292 14.43 -4.99 -29.24
N LYS A 293 14.38 -5.72 -30.35
CA LYS A 293 15.22 -5.48 -31.53
C LYS A 293 16.70 -5.59 -31.19
N GLN A 294 17.07 -6.76 -30.68
CA GLN A 294 18.47 -7.02 -30.35
C GLN A 294 19.31 -7.20 -31.61
N ASP A 295 18.76 -7.92 -32.61
CA ASP A 295 19.48 -8.11 -33.86
C ASP A 295 19.70 -6.81 -34.60
N LEU A 296 18.78 -5.85 -34.45
CA LEU A 296 19.01 -4.53 -35.04
C LEU A 296 20.23 -3.87 -34.43
N LEU A 297 20.37 -3.96 -33.10
CA LEU A 297 21.57 -3.45 -32.45
C LEU A 297 22.82 -4.18 -32.94
N ALA A 298 22.72 -5.50 -33.11
CA ALA A 298 23.87 -6.27 -33.56
C ALA A 298 24.32 -5.83 -34.95
N GLU A 299 23.38 -5.71 -35.89
CA GLU A 299 23.72 -5.27 -37.24
C GLU A 299 24.22 -3.83 -37.23
N LYS A 300 23.62 -2.96 -36.42
CA LYS A 300 24.06 -1.58 -36.37
C LYS A 300 25.49 -1.47 -35.86
N VAL A 301 25.85 -2.25 -34.84
CA VAL A 301 27.20 -2.16 -34.30
C VAL A 301 28.21 -2.88 -35.20
N LEU A 302 27.76 -3.89 -35.95
CA LEU A 302 28.68 -4.60 -36.85
C LEU A 302 28.94 -3.82 -38.13
N ALA A 303 27.94 -3.11 -38.65
CA ALA A 303 28.12 -2.38 -39.90
C ALA A 303 29.14 -1.25 -39.75
N GLY A 304 29.10 -0.54 -38.62
CA GLY A 304 30.01 0.55 -38.39
C GLY A 304 29.62 1.88 -39.00
N LYS A 305 28.48 1.95 -39.69
CA LYS A 305 28.03 3.21 -40.26
C LYS A 305 27.72 4.23 -39.16
N SER A 306 27.07 3.77 -38.09
CA SER A 306 26.76 4.62 -36.95
C SER A 306 27.71 4.33 -35.79
N LYS A 307 27.69 5.23 -34.81
CA LYS A 307 28.56 5.11 -33.64
C LYS A 307 27.77 5.49 -32.39
N ILE A 308 28.21 4.96 -31.25
CA ILE A 308 27.60 5.28 -29.97
C ILE A 308 28.44 6.23 -29.14
N GLU A 309 29.72 6.41 -29.49
CA GLU A 309 30.58 7.31 -28.72
C GLU A 309 30.08 8.75 -28.79
N ASP A 310 29.67 9.20 -29.98
CA ASP A 310 29.16 10.55 -30.12
C ASP A 310 27.86 10.74 -29.34
N TYR A 311 26.98 9.73 -29.37
CA TYR A 311 25.72 9.80 -28.65
C TYR A 311 25.84 9.39 -27.18
N PHE A 312 26.98 8.86 -26.77
CA PHE A 312 27.20 8.44 -25.38
C PHE A 312 28.70 8.48 -25.11
N PRO A 313 29.20 9.53 -24.44
CA PRO A 313 30.64 9.67 -24.16
C PRO A 313 31.09 8.91 -22.92
N GLU A 314 30.67 7.65 -22.83
CA GLU A 314 31.09 6.74 -21.77
C GLU A 314 31.33 5.31 -22.26
N PHE A 315 30.96 4.99 -23.50
CA PHE A 315 31.00 3.63 -23.98
C PHE A 315 32.42 3.07 -23.99
N ALA A 316 33.39 3.88 -24.43
CA ALA A 316 34.76 3.40 -24.55
C ALA A 316 35.34 3.02 -23.18
N ARG A 317 35.17 3.88 -22.18
CA ARG A 317 35.72 3.60 -20.87
C ARG A 317 34.95 2.50 -20.15
N TYR A 318 33.73 2.22 -20.59
CA TYR A 318 32.93 1.18 -19.96
C TYR A 318 33.53 -0.20 -20.22
N THR A 319 33.53 -1.04 -19.19
CA THR A 319 34.09 -2.38 -19.27
C THR A 319 32.96 -3.40 -19.25
N THR A 320 33.06 -4.42 -20.10
CA THR A 320 32.06 -5.46 -20.11
C THR A 320 32.04 -6.19 -18.78
N PRO A 321 30.87 -6.32 -18.14
CA PRO A 321 30.80 -7.02 -16.85
C PRO A 321 30.97 -8.53 -17.01
N GLU A 322 32.22 -8.95 -17.19
CA GLU A 322 32.53 -10.37 -17.37
C GLU A 322 32.26 -11.19 -16.12
N ASP A 323 32.03 -10.54 -14.98
CA ASP A 323 31.64 -11.28 -13.78
C ASP A 323 30.34 -12.05 -13.99
N ALA A 324 29.36 -11.42 -14.64
CA ALA A 324 28.07 -12.04 -14.95
C ALA A 324 27.64 -11.62 -16.34
N THR A 325 27.99 -12.41 -17.35
CA THR A 325 27.53 -12.21 -18.72
C THR A 325 27.44 -13.55 -19.47
N PRO A 326 26.56 -14.45 -19.00
CA PRO A 326 26.42 -15.74 -19.69
C PRO A 326 25.63 -15.58 -20.98
N GLU A 327 26.32 -15.67 -22.11
CA GLU A 327 25.72 -15.45 -23.41
C GLU A 327 26.21 -16.51 -24.38
N PRO A 328 25.36 -16.92 -25.32
CA PRO A 328 25.83 -17.77 -26.43
C PRO A 328 26.83 -17.00 -27.29
N GLY A 329 27.53 -17.75 -28.13
CA GLY A 329 28.55 -17.17 -28.98
C GLY A 329 28.05 -16.09 -29.92
N GLU A 330 28.68 -14.92 -29.90
CA GLU A 330 28.30 -13.79 -30.73
C GLU A 330 29.40 -12.74 -30.65
N ASP A 331 29.20 -11.64 -31.38
CA ASP A 331 30.16 -10.53 -31.36
C ASP A 331 30.29 -9.99 -29.94
N PRO A 332 31.50 -10.00 -29.35
CA PRO A 332 31.62 -9.46 -27.98
C PRO A 332 31.33 -7.97 -27.89
N ARG A 333 31.53 -7.22 -28.97
CA ARG A 333 31.23 -5.80 -28.96
C ARG A 333 29.75 -5.56 -28.71
N VAL A 334 28.88 -6.37 -29.33
CA VAL A 334 27.45 -6.19 -29.11
C VAL A 334 27.05 -6.64 -27.71
N THR A 335 27.77 -7.60 -27.13
CA THR A 335 27.53 -7.93 -25.73
C THR A 335 27.86 -6.74 -24.84
N ARG A 336 28.99 -6.08 -25.11
CA ARG A 336 29.32 -4.87 -24.37
C ARG A 336 28.24 -3.81 -24.55
N ALA A 337 27.71 -3.68 -25.77
CA ALA A 337 26.66 -2.69 -26.02
C ALA A 337 25.39 -3.01 -25.24
N LYS A 338 24.95 -4.28 -25.28
CA LYS A 338 23.75 -4.68 -24.55
C LYS A 338 23.90 -4.44 -23.05
N TYR A 339 25.05 -4.84 -22.49
CA TYR A 339 25.24 -4.67 -21.06
C TYR A 339 25.46 -3.20 -20.70
N PHE A 340 25.96 -2.40 -21.65
CA PHE A 340 26.06 -0.96 -21.44
C PHE A 340 24.67 -0.33 -21.35
N ILE A 341 23.78 -0.72 -22.25
CA ILE A 341 22.40 -0.21 -22.20
C ILE A 341 21.73 -0.67 -20.90
N ARG A 342 21.95 -1.92 -20.52
CA ARG A 342 21.37 -2.44 -19.29
C ARG A 342 21.89 -1.68 -18.07
N ASP A 343 23.19 -1.40 -18.02
CA ASP A 343 23.75 -0.64 -16.92
C ASP A 343 23.27 0.80 -16.91
N GLU A 344 23.10 1.40 -18.09
CA GLU A 344 22.54 2.75 -18.16
C GLU A 344 21.13 2.78 -17.59
N PHE A 345 20.31 1.78 -17.93
CA PHE A 345 18.97 1.70 -17.35
C PHE A 345 19.05 1.49 -15.84
N LEU A 346 19.94 0.61 -15.39
CA LEU A 346 20.03 0.27 -13.98
C LEU A 346 20.52 1.44 -13.14
N ARG A 347 21.37 2.31 -13.71
CA ARG A 347 21.85 3.45 -12.93
C ARG A 347 20.71 4.40 -12.59
N ILE A 348 19.80 4.64 -13.53
CA ILE A 348 18.61 5.44 -13.21
C ILE A 348 17.67 4.67 -12.30
N SER A 349 17.54 3.36 -12.51
CA SER A 349 16.62 2.57 -11.70
C SER A 349 17.04 2.57 -10.23
N THR A 350 18.32 2.44 -9.95
CA THR A 350 18.83 2.35 -8.58
C THR A 350 19.38 3.68 -8.06
N ALA A 351 19.34 4.74 -8.86
CA ALA A 351 19.84 6.04 -8.39
C ALA A 351 18.99 6.58 -7.26
N SER A 352 17.65 6.51 -7.40
CA SER A 352 16.74 7.05 -6.41
C SER A 352 15.78 5.98 -5.87
N GLY A 353 16.13 4.70 -6.01
CA GLY A 353 15.27 3.65 -5.51
C GLY A 353 15.21 3.63 -4.00
N ASP A 354 14.03 3.35 -3.47
CA ASP A 354 13.80 3.27 -2.03
C ASP A 354 13.47 1.85 -1.58
N GLY A 355 13.69 0.85 -2.43
CA GLY A 355 13.37 -0.51 -2.08
C GLY A 355 11.91 -0.89 -2.20
N ARG A 356 11.07 0.00 -2.72
CA ARG A 356 9.65 -0.28 -2.87
C ARG A 356 9.27 -0.79 -4.25
N HIS A 357 10.09 -0.55 -5.26
CA HIS A 357 9.87 -1.10 -6.59
C HIS A 357 11.22 -1.39 -7.23
N TYR A 358 11.25 -2.42 -8.08
CA TYR A 358 12.47 -2.91 -8.70
C TYR A 358 12.26 -3.06 -10.19
N CYS A 359 13.37 -3.28 -10.90
CA CYS A 359 13.36 -3.47 -12.35
C CYS A 359 13.82 -4.87 -12.70
N TYR A 360 13.26 -5.41 -13.79
CA TYR A 360 13.55 -6.76 -14.25
C TYR A 360 13.92 -6.70 -15.73
N PRO A 361 15.16 -6.32 -16.05
CA PRO A 361 15.57 -6.25 -17.45
C PRO A 361 15.62 -7.63 -18.09
N HIS A 362 15.35 -7.66 -19.39
CA HIS A 362 15.39 -8.89 -20.16
C HIS A 362 15.80 -8.56 -21.59
N PHE A 363 16.62 -9.43 -22.18
CA PHE A 363 17.07 -9.27 -23.56
C PHE A 363 16.23 -10.19 -24.44
N THR A 364 15.44 -9.60 -25.33
CA THR A 364 14.51 -10.37 -26.15
C THR A 364 14.56 -9.86 -27.58
N CYS A 365 14.18 -10.75 -28.50
CA CYS A 365 14.10 -10.43 -29.92
C CYS A 365 12.64 -10.17 -30.30
N SER A 366 12.39 -9.97 -31.60
CA SER A 366 11.05 -9.71 -32.09
C SER A 366 10.25 -10.97 -32.35
N VAL A 367 10.88 -12.15 -32.26
CA VAL A 367 10.20 -13.41 -32.53
C VAL A 367 10.39 -14.35 -31.35
N ASP A 368 10.66 -13.80 -30.17
CA ASP A 368 10.88 -14.60 -28.98
C ASP A 368 9.54 -15.04 -28.40
N THR A 369 9.34 -16.36 -28.31
CA THR A 369 8.11 -16.93 -27.75
C THR A 369 8.19 -17.12 -26.24
N GLU A 370 9.33 -16.82 -25.63
CA GLU A 370 9.52 -16.96 -24.19
C GLU A 370 9.21 -15.69 -23.42
N ASN A 371 8.68 -14.66 -24.10
CA ASN A 371 8.36 -13.41 -23.42
C ASN A 371 7.28 -13.62 -22.36
N ILE A 372 6.28 -14.46 -22.66
CA ILE A 372 5.22 -14.72 -21.69
C ILE A 372 5.78 -15.41 -20.46
N ARG A 373 6.73 -16.33 -20.65
CA ARG A 373 7.35 -17.00 -19.51
C ARG A 373 8.14 -16.02 -18.66
N ARG A 374 8.87 -15.09 -19.31
CA ARG A 374 9.60 -14.08 -18.57
C ARG A 374 8.67 -13.18 -17.78
N VAL A 375 7.54 -12.79 -18.38
CA VAL A 375 6.55 -11.97 -17.68
C VAL A 375 5.98 -12.73 -16.49
N PHE A 376 5.69 -14.01 -16.67
CA PHE A 376 5.18 -14.83 -15.58
C PHE A 376 6.17 -14.92 -14.43
N ASN A 377 7.45 -15.13 -14.76
CA ASN A 377 8.48 -15.22 -13.72
C ASN A 377 8.63 -13.89 -12.99
N ASP A 378 8.61 -12.78 -13.74
CA ASP A 378 8.74 -11.46 -13.12
C ASP A 378 7.54 -11.17 -12.21
N CYS A 379 6.34 -11.53 -12.64
CA CYS A 379 5.16 -11.34 -11.81
C CYS A 379 5.24 -12.20 -10.55
N ARG A 380 5.71 -13.44 -10.68
CA ARG A 380 5.88 -14.29 -9.51
C ARG A 380 6.89 -13.68 -8.53
N ASP A 381 8.00 -13.15 -9.04
CA ASP A 381 8.98 -12.52 -8.18
C ASP A 381 8.40 -11.29 -7.48
N ILE A 382 7.62 -10.48 -8.22
CA ILE A 382 7.02 -9.28 -7.64
C ILE A 382 6.05 -9.66 -6.53
N ILE A 383 5.19 -10.66 -6.79
CA ILE A 383 4.22 -11.07 -5.79
C ILE A 383 4.92 -11.64 -4.55
N GLN A 384 5.98 -12.44 -4.76
CA GLN A 384 6.72 -12.98 -3.63
C GLN A 384 7.37 -11.88 -2.81
N ARG A 385 7.95 -10.88 -3.48
CA ARG A 385 8.57 -9.76 -2.76
C ARG A 385 7.53 -8.97 -1.98
N MET A 386 6.37 -8.72 -2.59
CA MET A 386 5.31 -8.00 -1.89
C MET A 386 4.82 -8.78 -0.67
N HIS A 387 4.65 -10.09 -0.81
CA HIS A 387 4.22 -10.92 0.32
C HIS A 387 5.26 -10.91 1.43
N LEU A 388 6.54 -11.00 1.07
CA LEU A 388 7.61 -10.95 2.07
C LEU A 388 7.62 -9.60 2.78
N ARG A 389 7.42 -8.51 2.04
CA ARG A 389 7.40 -7.18 2.65
C ARG A 389 6.18 -6.99 3.53
N GLN A 390 5.07 -7.65 3.22
CA GLN A 390 3.87 -7.54 4.03
C GLN A 390 4.09 -8.08 5.44
N TYR A 391 4.97 -9.06 5.59
CA TYR A 391 5.29 -9.64 6.89
C TYR A 391 6.51 -9.01 7.53
N GLU A 392 7.01 -7.91 6.97
CA GLU A 392 8.17 -7.15 7.45
C GLU A 392 9.46 -7.94 7.34
N LEU A 393 9.43 -9.10 6.68
CA LEU A 393 10.66 -9.89 6.50
C LEU A 393 11.67 -9.13 5.64
N LEU A 394 11.19 -8.45 4.61
CA LEU A 394 12.06 -7.63 3.76
C LEU A 394 11.92 -6.15 4.11
N SER B 12 6.90 35.84 -44.24
CA SER B 12 7.20 37.07 -43.54
C SER B 12 5.97 37.60 -42.80
N GLU B 13 4.94 36.77 -42.72
CA GLU B 13 3.70 37.12 -42.06
C GLU B 13 3.64 36.65 -40.60
N LEU B 14 4.66 35.91 -40.14
CA LEU B 14 4.64 35.40 -38.77
C LEU B 14 4.88 36.51 -37.76
N ASP B 15 5.85 37.40 -38.05
CA ASP B 15 6.27 38.40 -37.07
C ASP B 15 5.14 39.36 -36.74
N GLN B 16 4.41 39.83 -37.75
CA GLN B 16 3.33 40.78 -37.48
C GLN B 16 2.17 40.12 -36.75
N LEU B 17 1.93 38.83 -37.01
CA LEU B 17 0.96 38.09 -36.20
C LEU B 17 1.38 38.05 -34.74
N ARG B 18 2.67 37.78 -34.48
CA ARG B 18 3.13 37.74 -33.10
C ARG B 18 3.03 39.11 -32.44
N GLN B 19 3.39 40.18 -33.17
CA GLN B 19 3.28 41.52 -32.61
C GLN B 19 1.82 41.88 -32.32
N GLU B 20 0.90 41.51 -33.23
CA GLU B 20 -0.51 41.78 -32.96
C GLU B 20 -1.00 41.01 -31.73
N ALA B 21 -0.57 39.75 -31.59
CA ALA B 21 -0.97 38.97 -30.42
C ALA B 21 -0.45 39.59 -29.14
N GLU B 22 0.82 40.01 -29.12
CA GLU B 22 1.37 40.60 -27.89
C GLU B 22 0.75 41.96 -27.60
N GLN B 23 0.44 42.75 -28.64
CA GLN B 23 -0.23 44.03 -28.43
C GLN B 23 -1.62 43.82 -27.84
N LEU B 24 -2.36 42.81 -28.35
CA LEU B 24 -3.67 42.52 -27.79
C LEU B 24 -3.57 42.02 -26.36
N LYS B 25 -2.53 41.23 -26.06
CA LYS B 25 -2.32 40.79 -24.68
C LYS B 25 -2.04 41.97 -23.75
N ASN B 26 -1.22 42.92 -24.21
CA ASN B 26 -0.95 44.11 -23.41
C ASN B 26 -2.22 44.95 -23.23
N GLN B 27 -3.04 45.05 -24.27
CA GLN B 27 -4.31 45.76 -24.15
C GLN B 27 -5.22 45.08 -23.13
N ILE B 28 -5.26 43.75 -23.14
CA ILE B 28 -6.06 43.01 -22.16
C ILE B 28 -5.54 43.27 -20.75
N ARG B 29 -4.22 43.27 -20.58
CA ARG B 29 -3.64 43.56 -19.27
C ARG B 29 -4.02 44.96 -18.80
N ASP B 30 -3.94 45.95 -19.69
CA ASP B 30 -4.28 47.32 -19.33
C ASP B 30 -5.76 47.44 -18.97
N ALA B 31 -6.63 46.77 -19.73
CA ALA B 31 -8.06 46.80 -19.44
C ALA B 31 -8.36 46.16 -18.10
N ARG B 32 -7.70 45.03 -17.79
CA ARG B 32 -7.90 44.38 -16.51
C ARG B 32 -7.40 45.26 -15.36
N LYS B 33 -6.27 45.94 -15.56
CA LYS B 33 -5.76 46.84 -14.53
C LYS B 33 -6.71 48.01 -14.31
N ALA B 34 -7.30 48.54 -15.39
CA ALA B 34 -8.19 49.69 -15.27
C ALA B 34 -9.44 49.32 -14.47
N CYS B 35 -9.99 48.14 -14.70
CA CYS B 35 -11.22 47.73 -14.02
C CYS B 35 -10.98 47.21 -12.61
N ALA B 36 -9.73 47.08 -12.19
CA ALA B 36 -9.40 46.61 -10.85
C ALA B 36 -9.01 47.80 -9.99
N ASP B 37 -9.71 47.97 -8.87
CA ASP B 37 -9.44 49.07 -7.95
C ASP B 37 -9.22 48.60 -6.52
N ALA B 38 -9.93 47.57 -6.08
CA ALA B 38 -9.78 47.06 -4.72
C ALA B 38 -10.06 45.56 -4.73
N THR B 39 -9.25 44.82 -3.98
CA THR B 39 -9.42 43.37 -3.92
C THR B 39 -10.66 43.01 -3.10
N LEU B 40 -11.12 41.77 -3.28
CA LEU B 40 -12.30 41.30 -2.56
C LEU B 40 -12.04 41.19 -1.07
N SER B 41 -10.80 40.90 -0.68
CA SER B 41 -10.48 40.76 0.74
C SER B 41 -10.67 42.07 1.49
N GLN B 42 -10.30 43.19 0.87
CA GLN B 42 -10.41 44.49 1.52
C GLN B 42 -11.87 44.82 1.85
N ILE B 43 -12.78 44.54 0.91
CA ILE B 43 -14.20 44.83 1.13
C ILE B 43 -14.89 43.79 1.99
N THR B 44 -14.22 42.69 2.30
CA THR B 44 -14.83 41.59 3.03
C THR B 44 -14.49 41.61 4.53
N ASN B 45 -13.39 42.26 4.91
CA ASN B 45 -12.90 42.18 6.28
C ASN B 45 -13.90 42.65 7.32
N ASN B 46 -14.89 43.47 6.92
CA ASN B 46 -15.83 44.02 7.90
C ASN B 46 -16.83 42.97 8.39
N ILE B 47 -17.13 41.95 7.57
CA ILE B 47 -18.08 40.93 8.02
C ILE B 47 -17.42 40.01 9.04
N ASP B 48 -18.26 39.33 9.82
CA ASP B 48 -17.78 38.40 10.84
C ASP B 48 -17.32 37.09 10.20
N PRO B 49 -16.30 36.45 10.76
CA PRO B 49 -15.85 35.16 10.23
C PRO B 49 -16.85 34.06 10.54
N VAL B 50 -16.75 32.98 9.75
CA VAL B 50 -17.61 31.83 9.95
C VAL B 50 -17.32 31.11 11.27
N GLY B 51 -16.09 31.21 11.78
CA GLY B 51 -15.72 30.52 12.99
C GLY B 51 -15.35 29.07 12.74
N ARG B 52 -14.99 28.39 13.83
CA ARG B 52 -14.58 26.99 13.74
C ARG B 52 -15.79 26.10 13.48
N ILE B 53 -15.66 25.22 12.48
CA ILE B 53 -16.71 24.28 12.13
C ILE B 53 -16.12 22.89 12.06
N GLN B 54 -16.95 21.88 12.31
CA GLN B 54 -16.53 20.49 12.24
C GLN B 54 -17.72 19.63 11.82
N MET B 55 -17.47 18.69 10.92
CA MET B 55 -18.47 17.73 10.48
C MET B 55 -17.86 16.34 10.47
N ARG B 56 -18.59 15.37 11.02
CA ARG B 56 -18.12 14.00 11.15
C ARG B 56 -18.70 13.12 10.04
N THR B 57 -18.05 11.98 9.83
CA THR B 57 -18.49 11.02 8.81
C THR B 57 -19.76 10.34 9.30
N ARG B 58 -20.92 10.80 8.82
CA ARG B 58 -22.18 10.20 9.22
C ARG B 58 -22.32 8.79 8.67
N ARG B 59 -22.04 8.61 7.38
CA ARG B 59 -22.18 7.31 6.73
C ARG B 59 -20.90 6.97 5.99
N THR B 60 -20.49 5.70 6.11
CA THR B 60 -19.33 5.17 5.38
C THR B 60 -19.83 4.11 4.42
N LEU B 61 -19.49 4.26 3.14
CA LEU B 61 -19.97 3.38 2.09
C LEU B 61 -18.82 2.49 1.63
N ARG B 62 -19.03 1.18 1.70
CA ARG B 62 -18.00 0.21 1.36
C ARG B 62 -18.57 -0.83 0.40
N GLY B 63 -17.70 -1.38 -0.43
CA GLY B 63 -18.11 -2.39 -1.39
C GLY B 63 -17.36 -2.28 -2.71
N HIS B 64 -16.79 -1.10 -2.97
CA HIS B 64 -16.00 -0.91 -4.18
C HIS B 64 -14.69 -1.67 -4.09
N LEU B 65 -14.24 -2.20 -5.22
CA LEU B 65 -13.00 -2.98 -5.27
C LEU B 65 -11.78 -2.13 -5.52
N ALA B 66 -11.87 -1.16 -6.44
CA ALA B 66 -10.74 -0.34 -6.83
C ALA B 66 -10.98 1.11 -6.44
N LYS B 67 -10.01 1.96 -6.76
CA LYS B 67 -10.08 3.36 -6.39
C LYS B 67 -11.19 4.07 -7.16
N ILE B 68 -11.78 5.09 -6.52
CA ILE B 68 -12.90 5.85 -7.07
C ILE B 68 -12.36 7.14 -7.64
N TYR B 69 -12.79 7.48 -8.86
CA TYR B 69 -12.31 8.66 -9.57
C TYR B 69 -13.31 9.81 -9.57
N ALA B 70 -14.60 9.52 -9.73
CA ALA B 70 -15.60 10.57 -9.85
C ALA B 70 -16.92 10.09 -9.27
N MET B 71 -17.77 11.06 -8.94
CA MET B 71 -19.13 10.79 -8.48
C MET B 71 -19.99 12.02 -8.74
N HIS B 72 -21.29 11.83 -8.71
CA HIS B 72 -22.23 12.92 -8.95
C HIS B 72 -23.47 12.71 -8.10
N TRP B 73 -23.81 13.72 -7.29
CA TRP B 73 -25.01 13.65 -6.47
C TRP B 73 -26.26 13.82 -7.34
N GLY B 74 -27.35 13.22 -6.87
CA GLY B 74 -28.61 13.31 -7.58
C GLY B 74 -29.33 14.62 -7.34
N THR B 75 -30.34 14.88 -8.17
CA THR B 75 -31.12 16.11 -8.03
C THR B 75 -31.99 16.07 -6.77
N ASP B 76 -32.51 14.89 -6.42
CA ASP B 76 -33.38 14.74 -5.27
C ASP B 76 -32.62 14.54 -3.97
N SER B 77 -31.28 14.54 -4.01
CA SER B 77 -30.44 14.33 -2.82
C SER B 77 -30.74 12.98 -2.17
N ARG B 78 -31.05 11.97 -2.97
CA ARG B 78 -31.35 10.64 -2.49
C ARG B 78 -30.37 9.58 -2.99
N LEU B 79 -29.94 9.66 -4.25
CA LEU B 79 -29.08 8.65 -4.85
C LEU B 79 -27.85 9.31 -5.45
N LEU B 80 -26.75 8.56 -5.46
CA LEU B 80 -25.50 9.01 -6.07
C LEU B 80 -24.86 7.83 -6.78
N VAL B 81 -24.07 8.14 -7.80
CA VAL B 81 -23.38 7.13 -8.60
C VAL B 81 -21.88 7.34 -8.48
N SER B 82 -21.15 6.25 -8.28
CA SER B 82 -19.70 6.27 -8.15
C SER B 82 -19.08 5.34 -9.17
N ALA B 83 -17.96 5.77 -9.75
CA ALA B 83 -17.23 5.00 -10.74
C ALA B 83 -15.86 4.64 -10.17
N SER B 84 -15.48 3.38 -10.32
CA SER B 84 -14.19 2.88 -9.84
C SER B 84 -13.58 1.98 -10.89
N GLN B 85 -12.28 1.68 -10.70
CA GLN B 85 -11.47 1.00 -11.71
C GLN B 85 -11.73 -0.51 -11.77
N ASP B 86 -12.80 -1.01 -11.16
CA ASP B 86 -13.15 -2.42 -11.24
C ASP B 86 -14.16 -2.70 -12.33
N GLY B 87 -14.48 -1.70 -13.15
CA GLY B 87 -15.54 -1.86 -14.14
C GLY B 87 -16.91 -2.01 -13.54
N LYS B 88 -17.21 -1.25 -12.49
CA LYS B 88 -18.49 -1.33 -11.79
C LYS B 88 -19.04 0.08 -11.57
N LEU B 89 -20.34 0.22 -11.79
CA LEU B 89 -21.07 1.45 -11.48
C LEU B 89 -22.11 1.12 -10.42
N ILE B 90 -22.04 1.81 -9.28
CA ILE B 90 -22.90 1.56 -8.14
C ILE B 90 -23.72 2.80 -7.86
N ILE B 91 -25.04 2.64 -7.79
CA ILE B 91 -25.95 3.73 -7.44
C ILE B 91 -26.33 3.51 -5.97
N TRP B 92 -25.74 4.31 -5.10
CA TRP B 92 -25.93 4.15 -3.66
C TRP B 92 -27.17 4.91 -3.20
N ASP B 93 -27.71 4.47 -2.07
CA ASP B 93 -28.76 5.19 -1.34
C ASP B 93 -28.10 5.83 -0.12
N SER B 94 -28.09 7.17 -0.09
CA SER B 94 -27.32 7.88 0.92
C SER B 94 -27.84 7.61 2.32
N TYR B 95 -29.16 7.57 2.49
CA TYR B 95 -29.73 7.50 3.83
C TYR B 95 -29.58 6.11 4.43
N THR B 96 -29.76 5.07 3.63
CA THR B 96 -29.76 3.70 4.13
C THR B 96 -28.53 2.90 3.75
N THR B 97 -27.60 3.49 2.99
CA THR B 97 -26.38 2.81 2.55
C THR B 97 -26.70 1.50 1.85
N ASN B 98 -27.71 1.53 0.98
CA ASN B 98 -28.16 0.37 0.24
C ASN B 98 -27.79 0.53 -1.23
N LYS B 99 -27.25 -0.54 -1.82
CA LYS B 99 -26.85 -0.54 -3.23
C LYS B 99 -28.09 -0.72 -4.09
N VAL B 100 -28.55 0.37 -4.72
CA VAL B 100 -29.73 0.29 -5.56
C VAL B 100 -29.43 -0.48 -6.84
N HIS B 101 -28.29 -0.20 -7.47
CA HIS B 101 -27.94 -0.82 -8.74
C HIS B 101 -26.45 -1.14 -8.76
N ALA B 102 -26.08 -2.09 -9.61
CA ALA B 102 -24.68 -2.48 -9.81
C ALA B 102 -24.50 -2.83 -11.29
N ILE B 103 -23.96 -1.88 -12.05
CA ILE B 103 -23.81 -2.02 -13.49
C ILE B 103 -22.38 -2.50 -13.76
N PRO B 104 -22.18 -3.69 -14.32
CA PRO B 104 -20.84 -4.15 -14.65
C PRO B 104 -20.36 -3.51 -15.95
N LEU B 105 -19.38 -2.63 -15.82
CA LEU B 105 -18.88 -1.89 -16.98
C LEU B 105 -18.03 -2.78 -17.87
N ARG B 106 -18.17 -2.59 -19.18
CA ARG B 106 -17.35 -3.32 -20.14
C ARG B 106 -15.94 -2.76 -20.25
N SER B 107 -15.69 -1.58 -19.71
CA SER B 107 -14.36 -0.98 -19.66
C SER B 107 -13.93 -0.88 -18.20
N SER B 108 -12.69 -1.31 -17.93
CA SER B 108 -12.18 -1.38 -16.57
C SER B 108 -11.40 -0.14 -16.16
N TRP B 109 -11.36 0.89 -16.99
CA TRP B 109 -10.60 2.11 -16.72
C TRP B 109 -11.48 3.34 -16.84
N VAL B 110 -12.67 3.28 -16.24
CA VAL B 110 -13.59 4.41 -16.27
C VAL B 110 -13.05 5.52 -15.38
N MET B 111 -13.05 6.75 -15.90
CA MET B 111 -12.49 7.89 -15.18
C MET B 111 -13.53 8.90 -14.72
N THR B 112 -14.79 8.78 -15.15
CA THR B 112 -15.80 9.76 -14.78
C THR B 112 -17.18 9.14 -14.86
N CYS B 113 -18.14 9.82 -14.23
CA CYS B 113 -19.54 9.41 -14.27
C CYS B 113 -20.41 10.64 -14.08
N ALA B 114 -21.67 10.51 -14.46
CA ALA B 114 -22.62 11.61 -14.36
C ALA B 114 -24.00 11.07 -14.03
N TYR B 115 -24.82 11.93 -13.40
CA TYR B 115 -26.20 11.60 -13.08
C TYR B 115 -27.11 12.59 -13.80
N ALA B 116 -28.10 12.06 -14.51
CA ALA B 116 -29.03 12.93 -15.23
C ALA B 116 -29.89 13.71 -14.24
N PRO B 117 -30.28 14.94 -14.60
CA PRO B 117 -31.16 15.71 -13.71
C PRO B 117 -32.48 15.02 -13.41
N SER B 118 -33.04 14.28 -14.37
CA SER B 118 -34.25 13.51 -14.13
C SER B 118 -33.98 12.16 -13.51
N GLY B 119 -32.72 11.72 -13.46
CA GLY B 119 -32.37 10.44 -12.89
C GLY B 119 -32.62 9.24 -13.79
N ASN B 120 -33.05 9.46 -15.03
CA ASN B 120 -33.35 8.34 -15.91
C ASN B 120 -32.09 7.70 -16.48
N TYR B 121 -31.04 8.50 -16.70
CA TYR B 121 -29.84 8.03 -17.38
C TYR B 121 -28.61 8.31 -16.53
N VAL B 122 -27.55 7.55 -16.79
CA VAL B 122 -26.24 7.76 -16.20
C VAL B 122 -25.20 7.71 -17.31
N ALA B 123 -24.04 8.31 -17.05
CA ALA B 123 -22.97 8.39 -18.01
C ALA B 123 -21.68 7.85 -17.41
N CYS B 124 -20.76 7.45 -18.29
CA CYS B 124 -19.47 6.94 -17.88
C CYS B 124 -18.46 7.18 -18.98
N GLY B 125 -17.20 7.35 -18.58
CA GLY B 125 -16.13 7.58 -19.53
C GLY B 125 -14.79 7.28 -18.91
N GLY B 126 -13.83 6.88 -19.74
CA GLY B 126 -12.51 6.55 -19.27
C GLY B 126 -11.47 6.44 -20.37
N LEU B 127 -10.58 5.45 -20.26
CA LEU B 127 -9.53 5.26 -21.25
C LEU B 127 -10.03 4.44 -22.43
N ASP B 128 -11.15 4.86 -23.03
CA ASP B 128 -11.66 4.20 -24.21
C ASP B 128 -12.23 5.17 -25.24
N ASN B 129 -12.19 6.47 -24.99
CA ASN B 129 -12.70 7.50 -25.90
C ASN B 129 -14.16 7.30 -26.25
N ILE B 130 -14.91 6.58 -25.40
CA ILE B 130 -16.31 6.28 -25.65
C ILE B 130 -17.11 6.62 -24.41
N CYS B 131 -18.16 7.42 -24.59
CA CYS B 131 -19.09 7.75 -23.52
C CYS B 131 -20.36 6.93 -23.68
N SER B 132 -20.73 6.20 -22.64
CA SER B 132 -21.85 5.28 -22.68
C SER B 132 -22.97 5.75 -21.76
N ILE B 133 -24.21 5.65 -22.22
CA ILE B 133 -25.39 6.07 -21.47
C ILE B 133 -26.21 4.83 -21.15
N TYR B 134 -26.55 4.66 -19.87
CA TYR B 134 -27.27 3.50 -19.39
C TYR B 134 -28.64 3.91 -18.87
N ASN B 135 -29.65 3.09 -19.18
CA ASN B 135 -31.03 3.36 -18.80
C ASN B 135 -31.35 2.67 -17.48
N LEU B 136 -31.92 3.44 -16.54
CA LEU B 136 -32.29 2.92 -15.23
C LEU B 136 -33.78 2.79 -15.03
N LYS B 137 -34.59 3.66 -15.63
CA LYS B 137 -36.03 3.62 -15.44
C LYS B 137 -36.66 2.37 -16.04
N THR B 138 -36.02 1.75 -17.03
CA THR B 138 -36.54 0.51 -17.58
C THR B 138 -36.46 -0.60 -16.54
N ARG B 139 -37.55 -1.36 -16.42
CA ARG B 139 -37.67 -2.43 -15.41
C ARG B 139 -38.13 -3.70 -16.10
N GLU B 140 -37.16 -4.47 -16.62
CA GLU B 140 -37.44 -5.79 -17.19
C GLU B 140 -36.40 -6.81 -16.76
N GLY B 141 -35.73 -6.60 -15.63
CA GLY B 141 -34.70 -7.50 -15.17
C GLY B 141 -33.33 -7.29 -15.78
N ASN B 142 -33.19 -6.31 -16.67
CA ASN B 142 -31.92 -6.05 -17.33
C ASN B 142 -31.65 -4.55 -17.36
N VAL B 143 -30.39 -4.18 -17.17
CA VAL B 143 -29.93 -2.81 -17.29
C VAL B 143 -28.77 -2.81 -18.27
N ARG B 144 -28.95 -2.16 -19.41
CA ARG B 144 -27.96 -2.18 -20.48
C ARG B 144 -27.69 -0.76 -20.97
N VAL B 145 -26.58 -0.61 -21.69
CA VAL B 145 -26.20 0.70 -22.22
C VAL B 145 -27.12 1.06 -23.38
N SER B 146 -27.74 2.24 -23.27
CA SER B 146 -28.67 2.68 -24.31
C SER B 146 -27.94 3.15 -25.57
N ARG B 147 -27.06 4.14 -25.41
CA ARG B 147 -26.32 4.71 -26.53
C ARG B 147 -24.85 4.81 -26.17
N GLU B 148 -24.00 4.44 -27.13
CA GLU B 148 -22.55 4.57 -26.99
C GLU B 148 -22.07 5.68 -27.91
N LEU B 149 -21.39 6.68 -27.33
CA LEU B 149 -20.93 7.84 -28.07
C LEU B 149 -19.46 7.65 -28.42
N ALA B 150 -19.16 7.64 -29.72
CA ALA B 150 -17.81 7.45 -30.22
C ALA B 150 -17.45 8.57 -31.18
N GLY B 151 -16.16 8.90 -31.23
CA GLY B 151 -15.68 9.96 -32.10
C GLY B 151 -14.56 10.76 -31.47
N HIS B 152 -14.44 10.68 -30.15
CA HIS B 152 -13.36 11.37 -29.45
C HIS B 152 -12.03 10.68 -29.72
N THR B 153 -10.96 11.49 -29.78
CA THR B 153 -9.61 10.96 -29.95
C THR B 153 -8.91 10.77 -28.61
N GLY B 154 -8.94 11.80 -27.76
CA GLY B 154 -8.35 11.69 -26.44
C GLY B 154 -9.24 10.96 -25.46
N TYR B 155 -8.65 10.65 -24.30
CA TYR B 155 -9.37 9.95 -23.26
C TYR B 155 -10.44 10.85 -22.64
N LEU B 156 -11.57 10.25 -22.27
CA LEU B 156 -12.61 10.99 -21.57
C LEU B 156 -12.17 11.32 -20.15
N SER B 157 -12.45 12.54 -19.72
CA SER B 157 -12.07 13.00 -18.39
C SER B 157 -13.25 13.36 -17.51
N CYS B 158 -14.25 14.04 -18.05
CA CYS B 158 -15.43 14.42 -17.27
C CYS B 158 -16.59 14.68 -18.22
N CYS B 159 -17.77 14.23 -17.84
CA CYS B 159 -18.98 14.43 -18.63
C CYS B 159 -20.11 14.88 -17.72
N ARG B 160 -20.94 15.80 -18.24
CA ARG B 160 -22.07 16.33 -17.50
C ARG B 160 -23.31 16.31 -18.40
N PHE B 161 -24.47 16.13 -17.76
CA PHE B 161 -25.74 16.03 -18.47
C PHE B 161 -26.42 17.39 -18.51
N LEU B 162 -26.80 17.82 -19.71
CA LEU B 162 -27.61 19.03 -19.88
C LEU B 162 -29.10 18.70 -19.79
N ASP B 163 -29.56 17.77 -20.61
CA ASP B 163 -30.94 17.30 -20.58
C ASP B 163 -30.93 15.79 -20.84
N ASP B 164 -32.11 15.22 -21.03
CA ASP B 164 -32.20 13.80 -21.35
C ASP B 164 -31.80 13.51 -22.79
N ASN B 165 -31.63 14.54 -23.62
CA ASN B 165 -31.25 14.36 -25.01
C ASN B 165 -29.98 15.14 -25.38
N GLN B 166 -29.27 15.69 -24.40
CA GLN B 166 -28.04 16.43 -24.65
C GLN B 166 -27.05 16.15 -23.53
N ILE B 167 -25.80 15.88 -23.89
CA ILE B 167 -24.73 15.63 -22.93
C ILE B 167 -23.45 16.31 -23.42
N VAL B 168 -22.73 16.92 -22.49
CA VAL B 168 -21.47 17.61 -22.79
C VAL B 168 -20.32 16.77 -22.25
N THR B 169 -19.37 16.44 -23.11
CA THR B 169 -18.22 15.63 -22.73
C THR B 169 -16.93 16.38 -23.05
N SER B 170 -15.96 16.28 -22.15
CA SER B 170 -14.65 16.90 -22.32
C SER B 170 -13.61 15.79 -22.40
N SER B 171 -13.03 15.61 -23.60
CA SER B 171 -12.05 14.57 -23.82
C SER B 171 -10.64 15.08 -23.52
N GLY B 172 -9.64 14.23 -23.75
CA GLY B 172 -8.27 14.57 -23.46
C GLY B 172 -7.47 15.04 -24.65
N ASP B 173 -8.16 15.38 -25.75
CA ASP B 173 -7.51 15.86 -26.97
C ASP B 173 -7.79 17.34 -27.22
N THR B 174 -7.88 18.13 -26.14
CA THR B 174 -8.06 19.59 -26.20
C THR B 174 -9.33 19.98 -26.95
N THR B 175 -10.36 19.15 -26.90
CA THR B 175 -11.63 19.45 -27.54
C THR B 175 -12.78 19.10 -26.59
N CYS B 176 -13.86 19.87 -26.69
CA CYS B 176 -15.10 19.61 -25.97
C CYS B 176 -16.22 19.48 -27.00
N ALA B 177 -17.04 18.44 -26.84
CA ALA B 177 -18.11 18.15 -27.78
C ALA B 177 -19.44 18.12 -27.07
N LEU B 178 -20.46 18.67 -27.72
CA LEU B 178 -21.84 18.63 -27.23
C LEU B 178 -22.57 17.55 -28.02
N TRP B 179 -22.81 16.43 -27.35
CA TRP B 179 -23.49 15.30 -27.99
C TRP B 179 -24.99 15.42 -27.83
N ASP B 180 -25.70 14.53 -28.51
CA ASP B 180 -27.15 14.39 -28.35
C ASP B 180 -27.54 12.92 -28.50
N ILE B 181 -28.21 12.39 -27.48
CA ILE B 181 -28.48 10.97 -27.41
C ILE B 181 -29.55 10.61 -28.44
N GLU B 182 -29.61 9.31 -28.79
CA GLU B 182 -30.50 8.70 -29.77
C GLU B 182 -30.13 9.03 -31.21
N THR B 183 -29.02 9.74 -31.44
CA THR B 183 -28.49 9.97 -32.77
C THR B 183 -27.05 9.52 -32.93
N GLY B 184 -26.19 9.77 -31.94
CA GLY B 184 -24.84 9.25 -31.94
C GLY B 184 -23.80 10.14 -32.58
N GLN B 185 -24.17 11.35 -33.01
CA GLN B 185 -23.26 12.24 -33.70
C GLN B 185 -23.10 13.56 -32.95
N GLN B 186 -21.96 14.21 -33.17
CA GLN B 186 -21.60 15.42 -32.44
C GLN B 186 -22.29 16.64 -33.01
N THR B 187 -22.98 17.38 -32.15
CA THR B 187 -23.72 18.58 -32.56
C THR B 187 -22.83 19.81 -32.65
N THR B 188 -22.12 20.14 -31.56
CA THR B 188 -21.23 21.30 -31.55
C THR B 188 -19.92 20.90 -30.90
N THR B 189 -18.81 21.28 -31.53
CA THR B 189 -17.48 20.98 -31.06
C THR B 189 -16.79 22.26 -30.61
N PHE B 190 -16.27 22.26 -29.39
CA PHE B 190 -15.57 23.41 -28.83
C PHE B 190 -14.08 23.15 -28.87
N THR B 191 -13.34 24.06 -29.53
CA THR B 191 -11.90 23.93 -29.69
C THR B 191 -11.23 25.25 -29.31
N GLY B 192 -9.94 25.15 -28.94
CA GLY B 192 -9.18 26.33 -28.58
C GLY B 192 -8.20 26.08 -27.44
N HIS B 193 -8.40 24.99 -26.72
CA HIS B 193 -7.51 24.65 -25.61
C HIS B 193 -6.21 24.04 -26.14
N THR B 194 -5.16 24.15 -25.33
CA THR B 194 -3.85 23.59 -25.66
C THR B 194 -3.43 22.47 -24.73
N GLY B 195 -4.20 22.19 -23.66
CA GLY B 195 -3.88 21.12 -22.75
C GLY B 195 -5.11 20.25 -22.51
N ASP B 196 -4.86 19.10 -21.89
CA ASP B 196 -5.92 18.14 -21.63
C ASP B 196 -6.98 18.74 -20.72
N VAL B 197 -8.24 18.67 -21.14
CA VAL B 197 -9.36 19.19 -20.36
C VAL B 197 -9.66 18.18 -19.26
N MET B 198 -9.40 18.56 -18.01
CA MET B 198 -9.54 17.65 -16.89
C MET B 198 -10.96 17.60 -16.34
N SER B 199 -11.58 18.76 -16.13
CA SER B 199 -12.91 18.80 -15.54
C SER B 199 -13.70 19.97 -16.14
N LEU B 200 -15.02 19.88 -16.02
CA LEU B 200 -15.90 20.94 -16.47
C LEU B 200 -17.13 20.97 -15.58
N SER B 201 -17.80 22.13 -15.56
CA SER B 201 -19.00 22.31 -14.77
C SER B 201 -20.01 23.12 -15.55
N LEU B 202 -21.28 22.92 -15.24
CA LEU B 202 -22.38 23.59 -15.93
C LEU B 202 -22.95 24.70 -15.06
N ALA B 203 -23.31 25.81 -15.71
CA ALA B 203 -23.88 26.95 -14.99
C ALA B 203 -25.30 26.62 -14.52
N PRO B 204 -25.78 27.31 -13.50
CA PRO B 204 -27.15 27.05 -13.01
C PRO B 204 -28.22 27.20 -14.08
N ASP B 205 -28.06 28.12 -15.01
CA ASP B 205 -29.06 28.33 -16.05
C ASP B 205 -28.91 27.38 -17.23
N THR B 206 -27.94 26.47 -17.18
CA THR B 206 -27.69 25.49 -18.25
C THR B 206 -27.46 26.17 -19.60
N ARG B 207 -26.75 27.29 -19.57
CA ARG B 207 -26.40 28.03 -20.78
C ARG B 207 -24.91 28.24 -20.94
N LEU B 208 -24.14 28.28 -19.85
CA LEU B 208 -22.70 28.47 -19.89
C LEU B 208 -22.02 27.28 -19.23
N PHE B 209 -20.79 26.98 -19.68
CA PHE B 209 -20.00 25.96 -19.02
C PHE B 209 -18.52 26.28 -19.22
N VAL B 210 -17.75 26.10 -18.16
CA VAL B 210 -16.31 26.36 -18.19
C VAL B 210 -15.58 25.03 -18.32
N SER B 211 -14.29 25.11 -18.64
CA SER B 211 -13.46 23.92 -18.81
C SER B 211 -12.04 24.26 -18.40
N GLY B 212 -11.53 23.56 -17.38
CA GLY B 212 -10.17 23.76 -16.94
C GLY B 212 -9.22 22.76 -17.55
N ALA B 213 -8.37 23.23 -18.47
CA ALA B 213 -7.44 22.37 -19.19
C ALA B 213 -6.12 22.29 -18.45
N CYS B 214 -5.14 21.64 -19.07
CA CYS B 214 -3.80 21.50 -18.50
C CYS B 214 -2.88 22.66 -18.86
N ASP B 215 -3.43 23.74 -19.43
CA ASP B 215 -2.66 24.91 -19.81
C ASP B 215 -2.78 26.05 -18.81
N ALA B 216 -3.20 25.75 -17.58
CA ALA B 216 -3.31 26.74 -16.50
C ALA B 216 -4.25 27.89 -16.88
N SER B 217 -5.39 27.55 -17.47
CA SER B 217 -6.38 28.56 -17.84
C SER B 217 -7.76 27.92 -17.89
N ALA B 218 -8.77 28.72 -17.56
CA ALA B 218 -10.16 28.31 -17.65
C ALA B 218 -10.83 29.13 -18.75
N LYS B 219 -11.53 28.46 -19.65
CA LYS B 219 -12.12 29.09 -20.82
C LYS B 219 -13.62 28.87 -20.80
N LEU B 220 -14.37 29.96 -20.96
CA LEU B 220 -15.83 29.90 -20.91
C LEU B 220 -16.40 29.76 -22.32
N TRP B 221 -17.30 28.79 -22.48
CA TRP B 221 -17.85 28.46 -23.79
C TRP B 221 -19.34 28.74 -23.83
N ASP B 222 -19.87 28.90 -25.04
CA ASP B 222 -21.30 29.08 -25.27
C ASP B 222 -21.85 27.83 -25.97
N VAL B 223 -22.85 27.20 -25.35
CA VAL B 223 -23.41 25.98 -25.93
C VAL B 223 -24.26 26.29 -27.17
N ARG B 224 -24.95 27.43 -27.18
CA ARG B 224 -25.89 27.71 -28.27
C ARG B 224 -25.16 27.94 -29.59
N GLU B 225 -24.13 28.79 -29.58
CA GLU B 225 -23.43 29.14 -30.81
C GLU B 225 -22.18 28.29 -31.02
N GLY B 226 -21.37 28.08 -29.98
CA GLY B 226 -20.26 27.16 -30.07
C GLY B 226 -18.87 27.78 -30.21
N MET B 227 -18.59 28.83 -29.44
CA MET B 227 -17.24 29.35 -29.35
C MET B 227 -17.04 30.00 -27.99
N CYS B 228 -15.77 30.15 -27.61
CA CYS B 228 -15.43 30.69 -26.31
C CYS B 228 -15.77 32.18 -26.21
N ARG B 229 -16.02 32.62 -24.98
CA ARG B 229 -16.31 34.03 -24.69
C ARG B 229 -15.16 34.74 -24.01
N GLN B 230 -14.68 34.22 -22.87
CA GLN B 230 -13.60 34.84 -22.12
C GLN B 230 -12.58 33.79 -21.70
N THR B 231 -11.34 34.23 -21.53
CA THR B 231 -10.26 33.41 -21.00
C THR B 231 -9.69 34.10 -19.77
N PHE B 232 -9.44 33.33 -18.72
CA PHE B 232 -9.06 33.88 -17.42
C PHE B 232 -7.60 33.69 -17.07
N THR B 233 -7.00 32.55 -17.42
CA THR B 233 -5.60 32.20 -17.11
C THR B 233 -5.44 32.34 -15.58
N GLY B 234 -4.35 32.95 -15.12
CA GLY B 234 -4.17 33.22 -13.70
C GLY B 234 -3.65 32.09 -12.86
N HIS B 235 -3.27 30.96 -13.47
CA HIS B 235 -2.78 29.82 -12.72
C HIS B 235 -1.39 29.44 -13.22
N GLU B 236 -0.69 28.63 -12.41
CA GLU B 236 0.68 28.25 -12.69
C GLU B 236 0.83 26.80 -13.14
N SER B 237 -0.20 25.97 -12.97
CA SER B 237 -0.11 24.56 -13.31
C SER B 237 -1.45 24.09 -13.86
N ASP B 238 -1.51 22.80 -14.21
CA ASP B 238 -2.72 22.23 -14.79
C ASP B 238 -3.88 22.29 -13.81
N ILE B 239 -5.05 22.70 -14.31
CA ILE B 239 -6.25 22.81 -13.50
C ILE B 239 -6.94 21.44 -13.50
N ASN B 240 -7.07 20.85 -12.32
CA ASN B 240 -7.63 19.51 -12.19
C ASN B 240 -9.14 19.51 -11.98
N ALA B 241 -9.70 20.58 -11.43
CA ALA B 241 -11.13 20.62 -11.14
C ALA B 241 -11.63 22.06 -11.27
N ILE B 242 -12.94 22.19 -11.45
CA ILE B 242 -13.59 23.48 -11.60
C ILE B 242 -15.05 23.32 -11.21
N CYS B 243 -15.63 24.39 -10.67
CA CYS B 243 -17.02 24.35 -10.22
C CYS B 243 -17.58 25.76 -10.18
N PHE B 244 -18.79 25.92 -10.71
CA PHE B 244 -19.44 27.22 -10.76
C PHE B 244 -19.92 27.64 -9.37
N PHE B 245 -19.91 28.95 -9.14
CA PHE B 245 -20.52 29.52 -7.95
C PHE B 245 -22.04 29.36 -8.03
N PRO B 246 -22.72 29.21 -6.89
CA PRO B 246 -24.19 29.08 -6.92
C PRO B 246 -24.88 30.27 -7.59
N ASN B 247 -24.31 31.48 -7.49
CA ASN B 247 -24.89 32.62 -8.17
C ASN B 247 -24.75 32.52 -9.69
N GLY B 248 -23.78 31.75 -10.18
CA GLY B 248 -23.58 31.59 -11.61
C GLY B 248 -22.68 32.61 -12.26
N ASN B 249 -22.24 33.63 -11.51
CA ASN B 249 -21.35 34.66 -12.04
C ASN B 249 -19.90 34.48 -11.61
N ALA B 250 -19.56 33.32 -11.03
CA ALA B 250 -18.21 33.08 -10.55
C ALA B 250 -17.96 31.58 -10.53
N PHE B 251 -16.69 31.22 -10.37
CA PHE B 251 -16.30 29.82 -10.27
C PHE B 251 -14.94 29.73 -9.59
N ALA B 252 -14.61 28.53 -9.12
CA ALA B 252 -13.35 28.26 -8.45
C ALA B 252 -12.64 27.11 -9.15
N THR B 253 -11.30 27.18 -9.19
CA THR B 253 -10.49 26.18 -9.84
C THR B 253 -9.43 25.66 -8.88
N GLY B 254 -9.02 24.41 -9.10
CA GLY B 254 -7.96 23.80 -8.30
C GLY B 254 -6.88 23.20 -9.17
N SER B 255 -5.62 23.58 -8.92
CA SER B 255 -4.50 23.15 -9.72
C SER B 255 -3.57 22.26 -8.87
N ASP B 256 -2.46 21.87 -9.49
CA ASP B 256 -1.49 20.98 -8.86
C ASP B 256 -0.46 21.73 -8.01
N ASP B 257 -0.48 23.06 -8.00
CA ASP B 257 0.44 23.85 -7.21
C ASP B 257 -0.14 24.28 -5.86
N ALA B 258 -1.15 23.56 -5.38
CA ALA B 258 -1.71 23.77 -4.03
C ALA B 258 -2.25 25.19 -3.85
N THR B 259 -2.97 25.68 -4.85
CA THR B 259 -3.64 26.97 -4.75
C THR B 259 -5.06 26.85 -5.28
N CYS B 260 -5.99 27.52 -4.61
CA CYS B 260 -7.37 27.62 -5.06
C CYS B 260 -7.66 29.08 -5.40
N ARG B 261 -8.21 29.31 -6.59
CA ARG B 261 -8.47 30.66 -7.08
C ARG B 261 -9.91 30.78 -7.52
N LEU B 262 -10.52 31.92 -7.18
CA LEU B 262 -11.90 32.21 -7.55
C LEU B 262 -11.91 33.34 -8.58
N PHE B 263 -12.57 33.11 -9.70
CA PHE B 263 -12.65 34.06 -10.80
C PHE B 263 -14.04 34.67 -10.86
N ASP B 264 -14.16 35.75 -11.65
CA ASP B 264 -15.42 36.44 -11.84
C ASP B 264 -15.73 36.50 -13.33
N LEU B 265 -16.97 36.15 -13.69
CA LEU B 265 -17.36 36.15 -15.10
C LEU B 265 -17.47 37.56 -15.67
N ARG B 266 -17.55 38.58 -14.82
CA ARG B 266 -17.69 39.96 -15.28
C ARG B 266 -16.39 40.75 -15.21
N ALA B 267 -15.57 40.52 -14.19
CA ALA B 267 -14.31 41.26 -14.04
C ALA B 267 -13.20 40.71 -14.93
N ASP B 268 -13.37 39.49 -15.47
CA ASP B 268 -12.38 38.87 -16.34
C ASP B 268 -11.01 38.76 -15.69
N GLN B 269 -10.99 38.55 -14.37
CA GLN B 269 -9.74 38.42 -13.64
C GLN B 269 -9.99 37.66 -12.35
N GLU B 270 -8.90 37.16 -11.76
CA GLU B 270 -9.01 36.45 -10.50
C GLU B 270 -9.40 37.40 -9.37
N LEU B 271 -10.04 36.84 -8.35
CA LEU B 271 -10.53 37.62 -7.22
C LEU B 271 -9.78 37.35 -5.93
N MET B 272 -9.49 36.07 -5.62
CA MET B 272 -8.74 35.73 -4.42
C MET B 272 -8.08 34.39 -4.62
N THR B 273 -7.01 34.15 -3.85
CA THR B 273 -6.26 32.90 -3.90
C THR B 273 -6.28 32.25 -2.53
N TYR B 274 -6.66 30.97 -2.48
CA TYR B 274 -6.71 30.20 -1.25
C TYR B 274 -5.54 29.22 -1.23
N SER B 275 -4.68 29.34 -0.22
CA SER B 275 -3.51 28.48 -0.11
C SER B 275 -2.94 28.63 1.29
N HIS B 276 -1.97 27.77 1.61
CA HIS B 276 -1.23 27.83 2.86
C HIS B 276 0.18 27.33 2.62
N ASP B 277 1.09 27.76 3.50
CA ASP B 277 2.52 27.46 3.30
C ASP B 277 2.83 26.00 3.61
N ASN B 278 2.25 25.46 4.70
CA ASN B 278 2.64 24.15 5.19
C ASN B 278 2.17 23.00 4.32
N ILE B 279 1.25 23.24 3.39
CA ILE B 279 0.66 22.19 2.57
C ILE B 279 0.96 22.45 1.11
N ILE B 280 1.48 21.45 0.42
CA ILE B 280 1.68 21.49 -1.03
C ILE B 280 1.13 20.17 -1.59
N CYS B 281 -0.10 20.20 -2.07
CA CYS B 281 -0.72 19.02 -2.68
C CYS B 281 -1.69 19.47 -3.75
N GLY B 282 -1.70 18.75 -4.87
CA GLY B 282 -2.58 19.10 -5.97
C GLY B 282 -4.04 18.92 -5.59
N ILE B 283 -4.85 19.94 -5.86
CA ILE B 283 -6.28 19.85 -5.58
C ILE B 283 -6.94 18.98 -6.64
N THR B 284 -7.69 17.97 -6.19
CA THR B 284 -8.33 17.03 -7.11
C THR B 284 -9.80 17.31 -7.34
N SER B 285 -10.45 18.07 -6.45
CA SER B 285 -11.87 18.37 -6.61
C SER B 285 -12.19 19.67 -5.88
N VAL B 286 -13.04 20.49 -6.50
CA VAL B 286 -13.49 21.75 -5.93
C VAL B 286 -15.02 21.78 -6.00
N SER B 287 -15.65 22.16 -4.89
CA SER B 287 -17.09 22.25 -4.85
C SER B 287 -17.50 23.40 -3.94
N PHE B 288 -18.73 23.87 -4.14
CA PHE B 288 -19.27 24.98 -3.37
C PHE B 288 -20.51 24.54 -2.60
N SER B 289 -20.78 25.25 -1.50
CA SER B 289 -21.95 24.97 -0.68
C SER B 289 -23.16 25.71 -1.26
N LYS B 290 -24.26 25.72 -0.51
CA LYS B 290 -25.48 26.38 -0.99
C LYS B 290 -25.27 27.89 -1.10
N SER B 291 -24.76 28.52 -0.04
CA SER B 291 -24.53 29.95 -0.05
C SER B 291 -23.22 30.35 -0.71
N GLY B 292 -22.32 29.39 -0.96
CA GLY B 292 -21.03 29.70 -1.51
C GLY B 292 -20.02 30.23 -0.52
N ARG B 293 -20.34 30.21 0.77
CA ARG B 293 -19.40 30.72 1.78
C ARG B 293 -18.24 29.77 2.00
N LEU B 294 -18.48 28.46 1.92
CA LEU B 294 -17.46 27.45 2.15
C LEU B 294 -16.99 26.88 0.81
N LEU B 295 -15.68 26.79 0.64
CA LEU B 295 -15.07 26.24 -0.57
C LEU B 295 -14.41 24.93 -0.17
N LEU B 296 -15.12 23.82 -0.40
CA LEU B 296 -14.60 22.49 -0.07
C LEU B 296 -13.73 22.02 -1.22
N ALA B 297 -12.43 21.89 -0.97
CA ALA B 297 -11.47 21.49 -2.00
C ALA B 297 -10.68 20.30 -1.51
N GLY B 298 -10.57 19.28 -2.37
CA GLY B 298 -9.77 18.12 -2.04
C GLY B 298 -8.28 18.37 -2.15
N TYR B 299 -7.51 17.44 -1.60
CA TYR B 299 -6.06 17.56 -1.60
C TYR B 299 -5.44 16.17 -1.66
N ASP B 300 -4.16 16.13 -2.00
CA ASP B 300 -3.42 14.89 -2.13
C ASP B 300 -2.79 14.42 -0.83
N ASP B 301 -2.96 15.19 0.27
CA ASP B 301 -2.40 14.83 1.57
C ASP B 301 -3.38 14.03 2.43
N PHE B 302 -4.26 13.25 1.80
CA PHE B 302 -5.16 12.32 2.48
C PHE B 302 -6.23 13.00 3.32
N ASN B 303 -6.53 14.28 3.05
CA ASN B 303 -7.58 14.97 3.77
C ASN B 303 -8.12 16.10 2.92
N CYS B 304 -9.32 16.57 3.27
CA CYS B 304 -9.99 17.66 2.58
C CYS B 304 -10.12 18.86 3.52
N ASN B 305 -9.87 20.05 2.98
CA ASN B 305 -9.91 21.29 3.74
C ASN B 305 -11.10 22.13 3.32
N VAL B 306 -11.74 22.78 4.29
CA VAL B 306 -12.84 23.69 4.04
C VAL B 306 -12.31 25.12 4.14
N TRP B 307 -12.47 25.89 3.06
CA TRP B 307 -11.92 27.24 2.96
C TRP B 307 -13.05 28.25 2.92
N ASP B 308 -12.92 29.32 3.71
CA ASP B 308 -13.85 30.44 3.65
C ASP B 308 -13.61 31.18 2.34
N ALA B 309 -14.59 31.13 1.43
CA ALA B 309 -14.40 31.72 0.10
C ALA B 309 -14.23 33.23 0.19
N LEU B 310 -14.96 33.89 1.07
CA LEU B 310 -14.92 35.35 1.16
C LEU B 310 -13.66 35.85 1.86
N LYS B 311 -13.13 35.09 2.84
CA LYS B 311 -12.02 35.56 3.65
C LYS B 311 -10.71 34.81 3.42
N ALA B 312 -10.73 33.73 2.65
CA ALA B 312 -9.54 32.92 2.39
C ALA B 312 -8.89 32.44 3.69
N ASP B 313 -9.72 32.07 4.65
CA ASP B 313 -9.26 31.55 5.94
C ASP B 313 -9.81 30.16 6.14
N ARG B 314 -8.94 29.23 6.58
CA ARG B 314 -9.37 27.86 6.79
C ARG B 314 -10.38 27.79 7.92
N ALA B 315 -11.48 27.05 7.68
CA ALA B 315 -12.54 26.90 8.67
C ALA B 315 -12.55 25.53 9.33
N GLY B 316 -12.17 24.48 8.61
CA GLY B 316 -12.15 23.15 9.17
C GLY B 316 -11.34 22.21 8.31
N VAL B 317 -11.00 21.06 8.89
CA VAL B 317 -10.20 20.03 8.25
C VAL B 317 -10.98 18.72 8.29
N LEU B 318 -11.08 18.07 7.13
CA LEU B 318 -11.78 16.79 7.00
C LEU B 318 -10.74 15.71 6.69
N ALA B 319 -10.31 15.00 7.72
CA ALA B 319 -9.34 13.91 7.58
C ALA B 319 -10.03 12.62 7.98
N GLY B 320 -10.53 11.87 6.99
CA GLY B 320 -11.17 10.61 7.25
C GLY B 320 -10.90 9.57 6.18
N HIS B 321 -9.99 9.88 5.27
CA HIS B 321 -9.68 9.01 4.14
C HIS B 321 -8.25 8.49 4.25
N ASP B 322 -8.09 7.17 4.09
CA ASP B 322 -6.77 6.57 4.13
C ASP B 322 -5.94 6.98 2.92
N ASN B 323 -6.57 7.08 1.75
CA ASN B 323 -5.89 7.44 0.51
C ASN B 323 -6.28 8.85 0.09
N ARG B 324 -5.67 9.31 -1.00
CA ARG B 324 -5.91 10.66 -1.49
C ARG B 324 -7.34 10.81 -1.99
N VAL B 325 -7.93 11.97 -1.71
CA VAL B 325 -9.28 12.26 -2.18
C VAL B 325 -9.23 12.64 -3.65
N SER B 326 -10.03 11.97 -4.46
CA SER B 326 -10.07 12.21 -5.89
C SER B 326 -11.39 12.78 -6.39
N CYS B 327 -12.45 12.76 -5.59
CA CYS B 327 -13.75 13.25 -6.02
C CYS B 327 -14.56 13.65 -4.80
N LEU B 328 -15.29 14.75 -4.92
CA LEU B 328 -16.18 15.22 -3.87
C LEU B 328 -17.20 16.17 -4.48
N GLY B 329 -18.31 16.34 -3.78
CA GLY B 329 -19.37 17.20 -4.27
C GLY B 329 -20.49 17.42 -3.28
N VAL B 330 -20.98 18.65 -3.19
CA VAL B 330 -22.08 19.00 -2.31
C VAL B 330 -23.40 18.79 -3.05
N THR B 331 -24.38 18.26 -2.33
CA THR B 331 -25.68 17.97 -2.94
C THR B 331 -26.41 19.26 -3.29
N ASP B 332 -27.55 19.11 -3.97
CA ASP B 332 -28.31 20.26 -4.46
C ASP B 332 -28.81 21.12 -3.31
N ASP B 333 -29.38 20.50 -2.28
CA ASP B 333 -29.89 21.24 -1.13
C ASP B 333 -28.83 21.54 -0.09
N GLY B 334 -27.61 21.03 -0.27
CA GLY B 334 -26.54 21.32 0.66
C GLY B 334 -26.66 20.64 2.00
N MET B 335 -27.45 19.58 2.10
CA MET B 335 -27.62 18.89 3.37
C MET B 335 -26.32 18.24 3.84
N ALA B 336 -25.57 17.63 2.92
CA ALA B 336 -24.34 16.94 3.28
C ALA B 336 -23.39 16.95 2.07
N VAL B 337 -22.12 16.68 2.35
CA VAL B 337 -21.09 16.62 1.32
C VAL B 337 -20.41 15.26 1.39
N ALA B 338 -20.25 14.62 0.24
CA ALA B 338 -19.64 13.31 0.15
C ALA B 338 -18.33 13.41 -0.64
N THR B 339 -17.27 12.82 -0.10
CA THR B 339 -15.96 12.83 -0.74
C THR B 339 -15.50 11.39 -0.98
N GLY B 340 -14.90 11.16 -2.14
CA GLY B 340 -14.41 9.84 -2.49
C GLY B 340 -12.91 9.79 -2.66
N SER B 341 -12.26 8.83 -2.01
CA SER B 341 -10.82 8.68 -2.03
C SER B 341 -10.42 7.48 -2.90
N TRP B 342 -9.13 7.18 -2.91
CA TRP B 342 -8.57 6.09 -3.69
C TRP B 342 -8.55 4.77 -2.93
N ASP B 343 -9.03 4.75 -1.69
CA ASP B 343 -9.09 3.53 -0.89
C ASP B 343 -10.39 2.76 -1.05
N SER B 344 -11.13 3.03 -2.13
CA SER B 344 -12.39 2.36 -2.44
C SER B 344 -13.45 2.57 -1.36
N PHE B 345 -13.33 3.66 -0.59
CA PHE B 345 -14.27 3.98 0.47
C PHE B 345 -14.96 5.30 0.16
N LEU B 346 -16.29 5.32 0.26
CA LEU B 346 -17.09 6.51 0.07
C LEU B 346 -17.66 6.94 1.41
N LYS B 347 -17.52 8.22 1.74
CA LYS B 347 -17.93 8.74 3.03
C LYS B 347 -18.84 9.95 2.84
N ILE B 348 -19.74 10.15 3.81
CA ILE B 348 -20.69 11.25 3.81
C ILE B 348 -20.38 12.13 5.01
N TRP B 349 -20.21 13.43 4.76
CA TRP B 349 -19.88 14.39 5.79
C TRP B 349 -21.04 15.36 5.99
N ASN B 350 -21.42 15.58 7.25
CA ASN B 350 -22.52 16.48 7.58
C ASN B 350 -22.30 17.13 8.94
N SER C 8 1.84 26.33 -38.14
CA SER C 8 1.72 27.27 -37.03
C SER C 8 1.16 28.60 -37.50
N ILE C 9 1.20 28.83 -38.81
CA ILE C 9 0.74 30.10 -39.36
C ILE C 9 -0.77 30.24 -39.25
N ALA C 10 -1.51 29.15 -39.48
CA ALA C 10 -2.96 29.21 -39.39
C ALA C 10 -3.41 29.27 -37.93
N GLN C 11 -2.76 28.50 -37.06
CA GLN C 11 -3.05 28.59 -35.64
C GLN C 11 -2.80 30.00 -35.12
N ALA C 12 -1.81 30.69 -35.70
CA ALA C 12 -1.56 32.08 -35.33
C ALA C 12 -2.76 32.96 -35.63
N ARG C 13 -3.34 32.83 -36.83
CA ARG C 13 -4.52 33.62 -37.17
C ARG C 13 -5.71 33.26 -36.29
N LYS C 14 -5.92 31.97 -36.03
CA LYS C 14 -7.06 31.60 -35.21
C LYS C 14 -6.90 32.12 -33.78
N LEU C 15 -5.68 32.06 -33.24
CA LEU C 15 -5.44 32.58 -31.90
C LEU C 15 -5.60 34.09 -31.85
N VAL C 16 -5.12 34.80 -32.87
CA VAL C 16 -5.20 36.26 -32.86
C VAL C 16 -6.66 36.70 -33.00
N GLU C 17 -7.45 35.99 -33.82
CA GLU C 17 -8.86 36.37 -33.93
C GLU C 17 -9.64 36.01 -32.67
N GLN C 18 -9.30 34.90 -32.02
CA GLN C 18 -9.92 34.57 -30.74
C GLN C 18 -9.59 35.62 -29.69
N LEU C 19 -8.35 36.10 -29.67
CA LEU C 19 -7.95 37.13 -28.71
C LEU C 19 -8.62 38.46 -29.03
N LYS C 20 -8.78 38.78 -30.32
CA LYS C 20 -9.51 39.98 -30.71
C LYS C 20 -10.96 39.91 -30.25
N MET C 21 -11.59 38.73 -30.37
CA MET C 21 -12.94 38.56 -29.84
C MET C 21 -12.99 38.77 -28.33
N GLU C 22 -11.94 38.39 -27.62
CA GLU C 22 -11.85 38.62 -26.19
C GLU C 22 -11.43 40.04 -25.82
N ALA C 23 -10.99 40.84 -26.79
CA ALA C 23 -10.47 42.17 -26.48
C ALA C 23 -11.58 43.16 -26.19
N ASN C 24 -12.70 43.07 -26.90
CA ASN C 24 -13.77 44.06 -26.80
C ASN C 24 -14.86 43.67 -25.81
N ILE C 25 -14.67 42.60 -25.05
CA ILE C 25 -15.69 42.19 -24.08
C ILE C 25 -15.77 43.22 -22.95
N ASP C 26 -16.97 43.38 -22.41
CA ASP C 26 -17.20 44.36 -21.34
C ASP C 26 -16.68 43.82 -20.02
N ARG C 27 -16.12 44.72 -19.20
CA ARG C 27 -15.62 44.37 -17.88
C ARG C 27 -16.06 45.45 -16.91
N ILE C 28 -16.78 45.04 -15.86
CA ILE C 28 -17.26 45.96 -14.84
C ILE C 28 -16.19 46.14 -13.78
N LYS C 29 -16.35 47.15 -12.92
CA LYS C 29 -15.41 47.37 -11.84
C LYS C 29 -15.43 46.19 -10.87
N VAL C 30 -14.26 45.87 -10.33
CA VAL C 30 -14.13 44.75 -9.40
C VAL C 30 -14.91 45.02 -8.12
N SER C 31 -15.02 46.29 -7.73
CA SER C 31 -15.69 46.62 -6.46
C SER C 31 -17.14 46.17 -6.46
N LYS C 32 -17.89 46.52 -7.50
CA LYS C 32 -19.31 46.13 -7.53
C LYS C 32 -19.49 44.64 -7.74
N ALA C 33 -18.58 44.00 -8.46
CA ALA C 33 -18.63 42.54 -8.60
C ALA C 33 -18.45 41.86 -7.26
N ALA C 34 -17.47 42.31 -6.47
CA ALA C 34 -17.28 41.78 -5.13
C ALA C 34 -18.49 42.07 -4.24
N ALA C 35 -19.07 43.27 -4.40
CA ALA C 35 -20.26 43.62 -3.63
C ALA C 35 -21.39 42.63 -3.91
N ASP C 36 -21.63 42.34 -5.18
CA ASP C 36 -22.68 41.38 -5.53
C ASP C 36 -22.33 39.98 -5.02
N LEU C 37 -21.06 39.58 -5.12
CA LEU C 37 -20.66 38.25 -4.67
C LEU C 37 -20.88 38.05 -3.18
N MET C 38 -20.55 39.05 -2.36
CA MET C 38 -20.80 38.84 -0.93
C MET C 38 -22.24 39.15 -0.53
N ALA C 39 -22.94 39.99 -1.28
CA ALA C 39 -24.36 40.21 -1.01
C ALA C 39 -25.17 38.95 -1.25
N TYR C 40 -24.89 38.24 -2.34
CA TYR C 40 -25.56 36.96 -2.58
C TYR C 40 -25.18 35.94 -1.52
N CYS C 41 -23.92 35.96 -1.07
CA CYS C 41 -23.48 35.02 -0.03
C CYS C 41 -24.21 35.27 1.28
N GLU C 42 -24.35 36.54 1.69
CA GLU C 42 -25.03 36.84 2.94
C GLU C 42 -26.54 36.71 2.82
N ALA C 43 -27.09 36.84 1.62
CA ALA C 43 -28.54 36.70 1.46
C ALA C 43 -29.00 35.27 1.73
N HIS C 44 -28.22 34.27 1.27
CA HIS C 44 -28.58 32.87 1.41
C HIS C 44 -27.77 32.18 2.51
N ALA C 45 -27.27 32.92 3.49
CA ALA C 45 -26.48 32.31 4.56
C ALA C 45 -27.33 31.39 5.43
N LYS C 46 -28.61 31.70 5.60
CA LYS C 46 -29.47 30.89 6.46
C LYS C 46 -29.76 29.53 5.84
N GLU C 47 -29.77 29.43 4.51
CA GLU C 47 -30.13 28.20 3.82
C GLU C 47 -28.94 27.28 3.58
N ASP C 48 -27.89 27.39 4.38
CA ASP C 48 -26.70 26.55 4.24
C ASP C 48 -26.54 25.67 5.46
N PRO C 49 -26.90 24.39 5.39
CA PRO C 49 -26.69 23.50 6.54
C PRO C 49 -25.23 23.36 6.94
N LEU C 50 -24.32 23.41 5.97
CA LEU C 50 -22.89 23.35 6.30
C LEU C 50 -22.45 24.60 7.05
N LEU C 51 -23.09 25.74 6.80
CA LEU C 51 -22.77 26.98 7.50
C LEU C 51 -23.42 27.02 8.88
N THR C 52 -24.75 26.97 8.92
CA THR C 52 -25.50 26.94 10.16
C THR C 52 -26.02 25.52 10.38
N PRO C 53 -25.64 24.84 11.46
CA PRO C 53 -26.11 23.46 11.66
C PRO C 53 -27.62 23.39 11.75
N VAL C 54 -28.18 22.37 11.11
CA VAL C 54 -29.62 22.13 11.09
C VAL C 54 -29.92 21.22 12.29
N PRO C 55 -31.12 21.27 12.87
CA PRO C 55 -31.43 20.36 13.97
C PRO C 55 -31.37 18.89 13.54
N ALA C 56 -31.00 18.04 14.50
CA ALA C 56 -30.78 16.62 14.20
C ALA C 56 -32.06 15.94 13.72
N SER C 57 -33.21 16.34 14.26
CA SER C 57 -34.47 15.73 13.85
C SER C 57 -34.76 16.00 12.38
N GLU C 58 -34.48 17.22 11.92
CA GLU C 58 -34.79 17.59 10.54
C GLU C 58 -33.88 16.85 9.55
N ASN C 59 -32.59 16.73 9.87
CA ASN C 59 -31.63 16.22 8.90
C ASN C 59 -31.89 14.75 8.58
N PRO C 60 -31.69 14.31 7.34
CA PRO C 60 -31.79 12.87 7.04
C PRO C 60 -30.58 12.09 7.51
N PHE C 61 -29.39 12.65 7.40
CA PHE C 61 -28.17 11.98 7.83
C PHE C 61 -27.98 12.22 9.32
N ARG C 62 -28.41 11.26 10.14
CA ARG C 62 -28.33 11.38 11.59
C ARG C 62 -27.30 10.39 12.11
N GLN D 1 -0.27 34.07 -15.99
CA GLN D 1 0.07 33.33 -17.20
C GLN D 1 1.58 33.18 -17.34
N VAL D 2 2.03 31.96 -17.61
CA VAL D 2 3.45 31.70 -17.83
C VAL D 2 3.85 32.20 -19.21
N GLN D 3 5.04 32.79 -19.30
CA GLN D 3 5.53 33.36 -20.55
C GLN D 3 7.05 33.22 -20.55
N LEU D 4 7.56 32.28 -21.34
CA LEU D 4 8.99 32.03 -21.47
C LEU D 4 9.44 32.50 -22.86
N GLN D 5 10.23 33.56 -22.89
CA GLN D 5 10.79 34.08 -24.13
C GLN D 5 12.30 33.85 -24.15
N GLU D 6 12.84 33.71 -25.35
CA GLU D 6 14.24 33.36 -25.54
C GLU D 6 15.01 34.52 -26.14
N SER D 7 16.33 34.44 -26.02
CA SER D 7 17.22 35.47 -26.55
C SER D 7 18.48 34.80 -27.09
N GLY D 8 19.14 35.51 -28.01
CA GLY D 8 20.35 35.00 -28.62
C GLY D 8 20.08 34.10 -29.81
N GLY D 9 21.16 33.73 -30.49
CA GLY D 9 21.06 32.87 -31.65
C GLY D 9 21.20 33.63 -32.96
N GLY D 10 22.15 33.22 -33.79
CA GLY D 10 22.38 33.89 -35.05
C GLY D 10 23.35 33.10 -35.90
N LEU D 11 23.57 33.60 -37.11
CA LEU D 11 24.46 32.97 -38.08
C LEU D 11 25.90 33.27 -37.69
N VAL D 12 26.59 32.28 -37.12
CA VAL D 12 27.97 32.42 -36.71
C VAL D 12 28.75 31.24 -37.25
N GLN D 13 30.08 31.40 -37.28
CA GLN D 13 30.95 30.35 -37.77
C GLN D 13 30.96 29.16 -36.79
N PRO D 14 31.18 27.94 -37.30
CA PRO D 14 31.25 26.79 -36.40
C PRO D 14 32.41 26.91 -35.44
N GLY D 15 32.22 26.36 -34.23
CA GLY D 15 33.22 26.44 -33.19
C GLY D 15 33.19 27.71 -32.37
N GLY D 16 32.21 28.57 -32.58
CA GLY D 16 32.09 29.82 -31.83
C GLY D 16 31.35 29.62 -30.52
N SER D 17 30.99 30.75 -29.90
CA SER D 17 30.29 30.75 -28.63
C SER D 17 29.13 31.72 -28.69
N LEU D 18 27.98 31.29 -28.15
CA LEU D 18 26.78 32.12 -28.09
C LEU D 18 26.26 32.15 -26.65
N ARG D 19 25.06 32.70 -26.45
CA ARG D 19 24.45 32.70 -25.13
C ARG D 19 22.94 32.84 -25.29
N LEU D 20 22.20 31.95 -24.63
CA LEU D 20 20.75 31.98 -24.61
C LEU D 20 20.26 32.14 -23.18
N SER D 21 19.41 33.14 -22.95
CA SER D 21 18.90 33.44 -21.63
C SER D 21 17.38 33.49 -21.67
N CYS D 22 16.73 32.84 -20.71
CA CYS D 22 15.28 32.85 -20.57
C CYS D 22 14.92 33.54 -19.27
N ALA D 23 14.16 34.63 -19.36
CA ALA D 23 13.70 35.39 -18.21
C ALA D 23 12.29 34.93 -17.86
N ALA D 24 12.18 34.09 -16.84
CA ALA D 24 10.89 33.53 -16.46
C ALA D 24 9.98 34.61 -15.87
N SER D 25 8.69 34.49 -16.15
CA SER D 25 7.69 35.41 -15.64
C SER D 25 6.35 34.71 -15.54
N GLY D 26 5.48 35.24 -14.69
CA GLY D 26 4.15 34.69 -14.50
C GLY D 26 4.08 33.51 -13.55
N PHE D 27 5.20 33.11 -12.97
CA PHE D 27 5.22 31.98 -12.03
C PHE D 27 6.46 32.11 -11.16
N THR D 28 6.50 31.31 -10.11
CA THR D 28 7.64 31.29 -9.18
C THR D 28 8.71 30.36 -9.74
N PHE D 29 9.91 30.91 -9.98
CA PHE D 29 10.99 30.17 -10.62
C PHE D 29 11.64 29.14 -9.72
N SER D 30 11.60 29.34 -8.40
CA SER D 30 12.35 28.47 -7.50
C SER D 30 11.75 27.08 -7.41
N ASN D 31 10.42 26.99 -7.35
CA ASN D 31 9.77 25.71 -7.07
C ASN D 31 9.94 24.74 -8.23
N TYR D 32 9.82 25.21 -9.47
CA TYR D 32 9.78 24.33 -10.62
C TYR D 32 11.18 23.92 -11.09
N LYS D 33 11.23 22.77 -11.74
CA LYS D 33 12.41 22.32 -12.45
C LYS D 33 12.36 22.82 -13.89
N MET D 34 13.53 22.92 -14.52
CA MET D 34 13.61 23.42 -15.89
C MET D 34 14.43 22.48 -16.76
N ASN D 35 13.93 22.25 -17.98
CA ASN D 35 14.59 21.41 -18.96
C ASN D 35 14.81 22.20 -20.24
N TRP D 36 15.74 21.73 -21.06
CA TRP D 36 16.03 22.33 -22.35
C TRP D 36 15.66 21.34 -23.46
N VAL D 37 15.06 21.86 -24.52
CA VAL D 37 14.54 21.05 -25.62
C VAL D 37 15.05 21.63 -26.93
N ARG D 38 15.60 20.76 -27.79
CA ARG D 38 16.07 21.16 -29.11
C ARG D 38 15.20 20.52 -30.19
N GLN D 39 15.00 21.24 -31.28
CA GLN D 39 14.22 20.77 -32.43
C GLN D 39 15.15 20.75 -33.64
N ALA D 40 15.65 19.57 -33.99
CA ALA D 40 16.50 19.45 -35.16
C ALA D 40 15.65 19.57 -36.42
N PRO D 41 15.99 20.48 -37.34
CA PRO D 41 15.21 20.60 -38.58
C PRO D 41 15.17 19.29 -39.34
N GLY D 42 13.99 18.96 -39.87
CA GLY D 42 13.81 17.72 -40.59
C GLY D 42 13.76 16.48 -39.74
N LYS D 43 13.66 16.63 -38.42
CA LYS D 43 13.61 15.48 -37.52
C LYS D 43 12.68 15.81 -36.36
N GLY D 44 12.54 14.84 -35.45
CA GLY D 44 11.66 14.99 -34.31
C GLY D 44 12.28 15.79 -33.18
N LEU D 45 11.50 15.94 -32.11
CA LEU D 45 11.94 16.68 -30.94
C LEU D 45 12.98 15.91 -30.15
N GLU D 46 13.86 16.64 -29.47
CA GLU D 46 14.94 16.05 -28.70
C GLU D 46 15.10 16.80 -27.39
N TRP D 47 15.67 16.11 -26.40
CA TRP D 47 15.89 16.65 -25.07
C TRP D 47 17.37 17.00 -24.90
N VAL D 48 17.63 18.16 -24.30
CA VAL D 48 19.00 18.67 -24.19
C VAL D 48 19.56 18.41 -22.80
N SER D 49 18.97 19.03 -21.79
CA SER D 49 19.51 18.95 -20.43
C SER D 49 18.45 19.43 -19.46
N ASP D 50 18.67 19.12 -18.18
CA ASP D 50 17.79 19.54 -17.11
C ASP D 50 18.62 19.90 -15.89
N ILE D 51 18.13 20.86 -15.11
CA ILE D 51 18.76 21.28 -13.87
C ILE D 51 17.72 21.25 -12.76
N SER D 52 18.05 20.60 -11.65
CA SER D 52 17.11 20.44 -10.56
C SER D 52 16.91 21.77 -9.82
N GLN D 53 16.08 21.71 -8.78
CA GLN D 53 15.80 22.90 -7.98
C GLN D 53 17.05 23.38 -7.26
N SER D 54 17.26 24.70 -7.29
CA SER D 54 18.41 25.36 -6.65
C SER D 54 19.74 24.86 -7.20
N GLY D 55 19.74 24.34 -8.42
CA GLY D 55 20.98 23.85 -9.03
C GLY D 55 21.60 22.68 -8.30
N ALA D 56 20.80 21.71 -7.88
CA ALA D 56 21.30 20.56 -7.14
C ALA D 56 21.77 19.45 -8.08
N SER D 57 20.89 18.96 -8.93
CA SER D 57 21.20 17.89 -9.86
C SER D 57 21.19 18.43 -11.28
N ILE D 58 22.28 18.22 -12.01
CA ILE D 58 22.44 18.69 -13.38
C ILE D 58 22.84 17.50 -14.25
N SER D 59 22.11 17.30 -15.35
CA SER D 59 22.38 16.21 -16.27
C SER D 59 22.21 16.69 -17.70
N TYR D 60 22.92 16.04 -18.62
CA TYR D 60 22.83 16.34 -20.04
C TYR D 60 22.74 15.04 -20.81
N THR D 61 22.26 15.13 -22.05
CA THR D 61 22.25 13.96 -22.90
C THR D 61 23.66 13.63 -23.37
N GLY D 62 23.81 12.46 -23.98
CA GLY D 62 25.13 12.00 -24.39
C GLY D 62 25.76 12.88 -25.45
N SER D 63 24.95 13.40 -26.37
CA SER D 63 25.49 14.18 -27.49
C SER D 63 26.17 15.47 -27.03
N VAL D 64 25.74 16.04 -25.91
CA VAL D 64 26.29 17.30 -25.42
C VAL D 64 26.96 17.16 -24.06
N LYS D 65 27.10 15.94 -23.54
CA LYS D 65 27.74 15.75 -22.24
C LYS D 65 29.21 16.13 -22.32
N GLY D 66 29.69 16.86 -21.31
CA GLY D 66 31.07 17.30 -21.26
C GLY D 66 31.37 18.55 -22.05
N ARG D 67 30.37 19.12 -22.74
CA ARG D 67 30.54 20.32 -23.54
C ARG D 67 29.77 21.50 -22.99
N PHE D 68 28.47 21.32 -22.72
CA PHE D 68 27.58 22.43 -22.45
C PHE D 68 27.41 22.63 -20.95
N THR D 69 27.20 23.89 -20.55
CA THR D 69 27.02 24.24 -19.15
C THR D 69 25.71 24.99 -18.99
N ILE D 70 24.87 24.53 -18.07
CA ILE D 70 23.60 25.16 -17.77
C ILE D 70 23.63 25.71 -16.36
N SER D 71 23.08 26.91 -16.18
CA SER D 71 23.09 27.57 -14.88
C SER D 71 21.78 28.33 -14.69
N ARG D 72 21.18 28.20 -13.52
CA ARG D 72 19.97 28.91 -13.16
C ARG D 72 20.08 29.47 -11.75
N ASP D 73 19.35 30.55 -11.49
CA ASP D 73 19.27 31.13 -10.17
C ASP D 73 17.82 31.51 -9.86
N ASN D 74 17.48 31.44 -8.58
CA ASN D 74 16.09 31.68 -8.16
C ASN D 74 15.80 33.16 -7.95
N ALA D 75 16.82 33.95 -7.61
CA ALA D 75 16.60 35.37 -7.35
C ALA D 75 16.22 36.12 -8.63
N LYS D 76 16.99 35.91 -9.70
CA LYS D 76 16.76 36.63 -10.95
C LYS D 76 15.68 35.99 -11.81
N ASN D 77 15.23 34.79 -11.47
CA ASN D 77 14.21 34.07 -12.26
C ASN D 77 14.66 33.91 -13.71
N THR D 78 15.90 33.51 -13.90
CA THR D 78 16.50 33.40 -15.21
C THR D 78 17.12 32.01 -15.41
N LEU D 79 17.15 31.57 -16.66
CA LEU D 79 17.75 30.29 -17.03
C LEU D 79 18.75 30.53 -18.15
N TYR D 80 19.99 30.10 -17.95
CA TYR D 80 21.03 30.23 -18.95
C TYR D 80 21.53 28.87 -19.39
N LEU D 81 22.12 28.85 -20.59
CA LEU D 81 22.76 27.64 -21.11
C LEU D 81 23.94 28.10 -21.96
N GLN D 82 25.15 27.75 -21.54
CA GLN D 82 26.35 28.17 -22.24
C GLN D 82 26.44 27.51 -23.61
N MET D 83 26.89 28.28 -24.60
CA MET D 83 27.08 27.80 -25.97
C MET D 83 28.57 27.74 -26.25
N ASN D 84 29.07 26.57 -26.62
CA ASN D 84 30.48 26.41 -26.93
C ASN D 84 30.67 25.15 -27.79
N SER D 85 31.81 25.11 -28.47
CA SER D 85 32.20 23.97 -29.31
C SER D 85 31.11 23.65 -30.34
N LEU D 86 30.70 24.67 -31.08
CA LEU D 86 29.62 24.52 -32.04
C LEU D 86 30.08 23.72 -33.26
N LYS D 87 29.24 22.81 -33.70
CA LYS D 87 29.43 22.02 -34.92
C LYS D 87 28.16 22.09 -35.74
N PRO D 88 28.25 21.89 -37.06
CA PRO D 88 27.05 21.96 -37.90
C PRO D 88 25.99 20.94 -37.54
N GLU D 89 26.36 19.81 -36.92
CA GLU D 89 25.39 18.80 -36.52
C GLU D 89 24.51 19.25 -35.36
N ASP D 90 24.86 20.34 -34.68
CA ASP D 90 24.11 20.83 -33.54
C ASP D 90 23.07 21.89 -33.93
N THR D 91 22.87 22.13 -35.22
CA THR D 91 21.91 23.13 -35.67
C THR D 91 20.49 22.66 -35.33
N ALA D 92 19.83 23.40 -34.43
CA ALA D 92 18.49 23.06 -33.99
C ALA D 92 17.87 24.29 -33.34
N VAL D 93 16.56 24.24 -33.15
CA VAL D 93 15.82 25.30 -32.48
C VAL D 93 15.66 24.90 -31.02
N TYR D 94 16.09 25.77 -30.11
CA TYR D 94 16.12 25.47 -28.69
C TYR D 94 14.98 26.18 -27.98
N TYR D 95 14.27 25.45 -27.13
CA TYR D 95 13.12 25.97 -26.40
C TYR D 95 13.34 25.84 -24.89
N CYS D 96 12.78 26.77 -24.14
CA CYS D 96 12.78 26.71 -22.68
C CYS D 96 11.50 26.04 -22.22
N ALA D 97 11.64 24.85 -21.62
CA ALA D 97 10.50 24.05 -21.20
C ALA D 97 10.43 24.03 -19.68
N ARG D 98 9.21 24.18 -19.15
CA ARG D 98 8.98 24.19 -17.71
C ARG D 98 8.45 22.85 -17.23
N CYS D 99 8.82 22.49 -16.00
CA CYS D 99 8.35 21.25 -15.42
C CYS D 99 6.85 21.35 -15.12
N PRO D 100 6.08 20.29 -15.38
CA PRO D 100 4.63 20.36 -15.16
C PRO D 100 4.22 20.63 -13.72
N ALA D 101 4.95 20.10 -12.74
CA ALA D 101 4.49 20.13 -11.37
C ALA D 101 5.54 20.70 -10.44
N PRO D 102 5.12 21.36 -9.35
CA PRO D 102 6.07 21.87 -8.36
C PRO D 102 6.47 20.82 -7.32
N PHE D 103 7.71 20.94 -6.85
CA PHE D 103 8.27 20.02 -5.84
C PHE D 103 8.13 18.57 -6.27
N THR D 104 8.34 18.31 -7.56
CA THR D 104 8.21 16.97 -8.10
C THR D 104 9.32 16.75 -9.12
N ARG D 105 9.75 15.50 -9.27
CA ARG D 105 10.92 15.17 -10.08
C ARG D 105 10.63 14.32 -11.30
N ASP D 106 9.42 13.76 -11.45
CA ASP D 106 9.13 12.94 -12.62
C ASP D 106 9.22 13.78 -13.91
N CYS D 107 8.52 14.91 -13.93
CA CYS D 107 8.62 15.92 -14.98
C CYS D 107 8.33 15.31 -16.36
N PHE D 108 7.08 14.89 -16.50
CA PHE D 108 6.63 14.19 -17.70
C PHE D 108 6.38 15.14 -18.85
N ASP D 109 6.33 14.56 -20.05
CA ASP D 109 5.83 15.23 -21.27
C ASP D 109 6.66 16.45 -21.66
N VAL D 110 7.96 16.45 -21.33
CA VAL D 110 8.82 17.54 -21.82
C VAL D 110 9.00 17.42 -23.33
N THR D 111 9.09 16.20 -23.85
CA THR D 111 9.34 15.93 -25.25
C THR D 111 8.06 15.97 -26.09
N SER D 112 6.90 16.13 -25.45
CA SER D 112 5.63 16.13 -26.16
C SER D 112 5.59 17.23 -27.21
N THR D 113 4.97 16.92 -28.35
CA THR D 113 4.95 17.84 -29.47
C THR D 113 4.22 19.13 -29.12
N THR D 114 3.07 19.02 -28.48
CA THR D 114 2.26 20.17 -28.10
C THR D 114 2.39 20.36 -26.59
N TYR D 115 3.13 21.40 -26.19
CA TYR D 115 3.35 21.71 -24.78
C TYR D 115 2.93 23.14 -24.52
N ALA D 116 2.10 23.33 -23.50
CA ALA D 116 1.56 24.66 -23.21
C ALA D 116 2.59 25.57 -22.54
N TYR D 117 3.42 25.01 -21.67
CA TYR D 117 4.37 25.80 -20.89
C TYR D 117 5.72 25.96 -21.58
N ARG D 118 5.88 25.44 -22.79
CA ARG D 118 7.15 25.52 -23.50
C ARG D 118 7.33 26.91 -24.09
N GLY D 119 8.56 27.42 -24.02
CA GLY D 119 8.84 28.75 -24.53
C GLY D 119 8.76 28.83 -26.04
N GLN D 120 8.70 30.07 -26.54
CA GLN D 120 8.59 30.29 -27.97
C GLN D 120 9.82 29.79 -28.72
N GLY D 121 10.99 30.04 -28.17
CA GLY D 121 12.23 29.53 -28.77
C GLY D 121 12.86 30.51 -29.74
N THR D 122 14.16 30.37 -29.91
CA THR D 122 14.93 31.17 -30.86
C THR D 122 15.82 30.24 -31.68
N GLN D 123 15.95 30.54 -32.97
CA GLN D 123 16.71 29.70 -33.87
C GLN D 123 18.20 29.88 -33.66
N VAL D 124 18.92 28.77 -33.51
CA VAL D 124 20.38 28.77 -33.40
C VAL D 124 20.92 27.93 -34.55
N THR D 125 21.75 28.53 -35.40
CA THR D 125 22.27 27.86 -36.58
C THR D 125 23.68 28.36 -36.85
N VAL D 126 24.59 27.42 -37.10
CA VAL D 126 25.98 27.72 -37.41
C VAL D 126 26.24 27.37 -38.86
N SER D 127 26.84 28.30 -39.59
CA SER D 127 27.15 28.11 -41.01
C SER D 127 28.42 28.90 -41.34
N SER D 128 28.70 29.03 -42.63
CA SER D 128 29.87 29.77 -43.09
C SER D 128 29.58 30.53 -44.37
N LYS E 1 8.24 -39.54 32.90
CA LYS E 1 7.61 -38.23 32.70
C LYS E 1 7.95 -37.67 31.33
N CYS E 2 7.55 -36.42 31.10
CA CYS E 2 7.78 -35.73 29.83
C CYS E 2 8.96 -34.77 29.99
N ASN E 3 9.98 -34.94 29.15
CA ASN E 3 11.17 -34.10 29.19
C ASN E 3 11.17 -33.03 28.11
N THR E 4 10.09 -32.89 27.35
CA THR E 4 10.02 -31.85 26.33
C THR E 4 9.83 -30.48 26.98
N ALA E 5 10.23 -29.44 26.25
CA ALA E 5 10.11 -28.08 26.74
C ALA E 5 8.66 -27.63 26.88
N THR E 6 7.73 -28.27 26.17
CA THR E 6 6.32 -27.90 26.26
C THR E 6 5.73 -28.26 27.62
N CYS E 7 6.32 -29.22 28.33
CA CYS E 7 5.86 -29.62 29.65
C CYS E 7 6.49 -28.80 30.77
N ALA E 8 7.26 -27.77 30.43
CA ALA E 8 7.97 -26.98 31.44
C ALA E 8 6.98 -26.29 32.38
N THR E 9 5.91 -25.72 31.84
CA THR E 9 4.92 -25.05 32.68
C THR E 9 4.23 -26.04 33.61
N GLN E 10 3.87 -27.21 33.09
CA GLN E 10 3.22 -28.22 33.92
C GLN E 10 4.18 -28.74 34.99
N ARG E 11 5.46 -28.87 34.65
CA ARG E 11 6.45 -29.38 35.59
C ARG E 11 6.58 -28.46 36.80
N LEU E 12 6.63 -27.15 36.56
CA LEU E 12 6.77 -26.20 37.65
C LEU E 12 5.56 -26.23 38.57
N ALA E 13 4.36 -26.35 37.99
CA ALA E 13 3.15 -26.43 38.80
C ALA E 13 3.13 -27.70 39.63
N GLU E 14 3.51 -28.83 39.04
CA GLU E 14 3.53 -30.10 39.77
C GLU E 14 4.58 -30.08 40.87
N PHE E 15 5.76 -29.55 40.58
CA PHE E 15 6.84 -29.53 41.57
C PHE E 15 6.47 -28.65 42.76
N LEU E 16 5.89 -27.47 42.50
CA LEU E 16 5.56 -26.55 43.58
C LEU E 16 4.41 -27.06 44.43
N ARG E 17 3.44 -27.74 43.81
CA ARG E 17 2.28 -28.21 44.55
C ARG E 17 2.68 -29.23 45.61
N HIS E 18 3.58 -30.16 45.28
CA HIS E 18 4.00 -31.17 46.24
C HIS E 18 4.88 -30.58 47.33
N SER E 19 5.82 -29.70 46.95
CA SER E 19 6.76 -29.17 47.92
C SER E 19 6.09 -28.22 48.90
N SER E 20 5.28 -27.28 48.38
CA SER E 20 4.66 -26.29 49.25
C SER E 20 3.67 -26.93 50.22
N ASN E 21 2.89 -27.90 49.74
CA ASN E 21 1.91 -28.60 50.56
C ASN E 21 2.11 -30.10 50.36
N ASN E 22 2.68 -30.75 51.36
CA ASN E 22 2.94 -32.19 51.30
C ASN E 22 1.65 -32.98 51.51
N PRO E 28 3.75 -36.51 53.46
CA PRO E 28 4.69 -36.37 54.58
C PRO E 28 6.16 -36.47 54.16
N PRO E 29 7.07 -35.66 54.74
CA PRO E 29 8.50 -35.72 54.40
C PRO E 29 9.08 -37.08 54.80
N THR E 30 10.01 -37.61 54.00
CA THR E 30 10.58 -38.96 54.28
C THR E 30 11.95 -38.81 54.96
N ASN E 31 12.13 -39.45 56.12
CA ASN E 31 13.42 -39.39 56.85
C ASN E 31 14.45 -40.20 56.05
N VAL E 32 15.57 -39.58 55.69
CA VAL E 32 16.59 -40.27 54.85
C VAL E 32 17.27 -41.42 55.62
N GLY E 33 17.63 -41.22 56.89
CA GLY E 33 18.41 -42.24 57.60
C GLY E 33 17.76 -42.83 58.84
N SER E 34 18.57 -43.18 59.84
CA SER E 34 18.07 -43.81 61.10
C SER E 34 17.34 -45.12 60.78
N ASN E 35 16.11 -45.27 61.28
CA ASN E 35 15.34 -46.53 61.07
C ASN E 35 15.11 -46.72 59.57
N THR E 36 14.80 -45.64 58.86
CA THR E 36 14.55 -45.72 57.39
C THR E 36 15.83 -46.21 56.69
N PRO E 37 15.69 -47.14 55.72
CA PRO E 37 16.90 -47.70 55.08
C PRO E 37 17.85 -46.69 54.45
N PRO F 17 -3.29 -41.39 47.81
CA PRO F 17 -4.05 -42.63 47.70
C PRO F 17 -3.58 -43.51 46.53
N PHE F 18 -4.17 -43.29 45.34
CA PHE F 18 -3.76 -44.06 44.18
C PHE F 18 -2.32 -43.80 43.80
N LEU F 19 -1.90 -42.53 43.85
CA LEU F 19 -0.51 -42.19 43.53
C LEU F 19 0.45 -42.74 44.57
N TYR F 20 0.01 -42.84 45.83
CA TYR F 20 0.85 -43.45 46.86
C TYR F 20 0.96 -44.96 46.64
N VAL F 21 -0.12 -45.60 46.19
CA VAL F 21 -0.07 -47.02 45.88
C VAL F 21 0.84 -47.29 44.69
N VAL F 22 0.87 -46.38 43.72
CA VAL F 22 1.75 -46.55 42.56
C VAL F 22 3.21 -46.59 42.99
N GLY F 23 3.59 -45.70 43.91
CA GLY F 23 4.96 -45.73 44.43
C GLY F 23 5.25 -47.01 45.18
N ARG F 24 4.28 -47.50 45.96
CA ARG F 24 4.45 -48.79 46.62
C ARG F 24 4.49 -49.93 45.61
N LYS F 25 3.67 -49.84 44.56
CA LYS F 25 3.70 -50.85 43.50
C LYS F 25 5.04 -50.87 42.78
N LYS F 26 5.60 -49.67 42.54
CA LYS F 26 6.92 -49.59 41.92
C LYS F 26 8.00 -50.19 42.81
N MET F 27 7.87 -50.02 44.14
CA MET F 27 8.82 -50.63 45.06
C MET F 27 8.76 -52.15 44.97
N MET F 28 7.55 -52.71 44.90
CA MET F 28 7.41 -54.15 44.72
C MET F 28 7.82 -54.60 43.32
N ASP F 29 7.59 -53.78 42.30
CA ASP F 29 8.02 -54.12 40.95
C ASP F 29 9.54 -54.09 40.82
N ALA F 30 10.20 -53.17 41.51
CA ALA F 30 11.66 -53.12 41.48
C ALA F 30 12.28 -54.32 42.17
N GLN F 31 11.60 -54.88 43.17
CA GLN F 31 12.10 -56.08 43.84
C GLN F 31 12.17 -57.26 42.87
N TYR F 32 11.14 -57.42 42.04
CA TYR F 32 11.18 -58.47 41.03
C TYR F 32 12.28 -58.21 40.01
N LYS F 33 12.47 -56.95 39.61
CA LYS F 33 13.57 -56.60 38.72
C LYS F 33 14.91 -56.83 39.41
N CYS F 34 14.99 -56.53 40.71
CA CYS F 34 16.22 -56.79 41.46
C CYS F 34 16.53 -58.28 41.52
N TYR F 35 15.50 -59.11 41.68
CA TYR F 35 15.69 -60.55 41.69
C TYR F 35 16.24 -61.05 40.36
N ASP F 36 15.74 -60.51 39.25
CA ASP F 36 16.26 -60.88 37.94
C ASP F 36 17.73 -60.47 37.79
N ARG F 37 18.08 -59.29 38.30
CA ARG F 37 19.47 -58.84 38.22
C ARG F 37 20.40 -59.71 39.06
N MET F 38 19.94 -60.15 40.24
CA MET F 38 20.77 -60.99 41.08
C MET F 38 20.97 -62.38 40.46
N GLN F 39 19.92 -62.92 39.84
CA GLN F 39 20.03 -64.24 39.22
C GLN F 39 20.98 -64.21 38.03
N GLN F 40 20.93 -63.13 37.24
CA GLN F 40 21.81 -63.03 36.07
C GLN F 40 23.27 -62.93 36.47
N LEU F 41 23.58 -62.21 37.53
CA LEU F 41 24.95 -62.07 37.98
C LEU F 41 25.42 -63.36 38.65
N PRO F 42 26.52 -63.97 38.19
CA PRO F 42 27.03 -65.23 38.76
C PRO F 42 27.66 -65.02 40.14
N PRO F 49 37.14 -60.09 43.96
CA PRO F 49 37.07 -59.64 45.35
C PRO F 49 35.89 -58.70 45.59
N TYR F 50 34.77 -58.97 44.95
CA TYR F 50 33.61 -58.09 45.02
C TYR F 50 32.88 -58.25 46.36
N CYS F 51 32.44 -57.13 46.91
CA CYS F 51 31.64 -57.16 48.13
C CYS F 51 30.26 -57.73 47.83
N ASN F 52 29.72 -58.46 48.81
CA ASN F 52 28.44 -59.13 48.62
C ASN F 52 27.32 -58.13 48.38
N ARG F 53 26.40 -58.48 47.49
CA ARG F 53 25.29 -57.61 47.11
C ARG F 53 24.12 -57.86 48.06
N THR F 54 23.88 -56.90 48.95
CA THR F 54 22.77 -56.99 49.89
C THR F 54 21.57 -56.20 49.36
N TRP F 55 20.41 -56.50 49.94
CA TRP F 55 19.16 -55.86 49.56
C TRP F 55 18.89 -54.68 50.49
N ASP F 56 18.71 -53.49 49.90
CA ASP F 56 18.34 -52.30 50.64
C ASP F 56 16.84 -52.06 50.49
N GLY F 57 16.33 -51.09 51.27
CA GLY F 57 14.90 -50.85 51.29
C GLY F 57 14.35 -50.43 49.94
N TRP F 58 15.02 -49.48 49.29
CA TRP F 58 14.54 -48.93 48.03
C TRP F 58 15.21 -49.54 46.80
N LEU F 59 16.53 -49.74 46.83
CA LEU F 59 17.24 -50.22 45.66
C LEU F 59 18.40 -51.09 46.12
N CYS F 60 18.41 -52.34 45.68
CA CYS F 60 19.50 -53.24 46.02
C CYS F 60 20.79 -52.82 45.32
N TRP F 61 21.91 -52.95 46.02
CA TRP F 61 23.18 -52.45 45.53
C TRP F 61 24.01 -53.57 44.92
N ASP F 62 24.79 -53.21 43.90
CA ASP F 62 25.59 -54.19 43.18
C ASP F 62 26.87 -54.52 43.95
N ASP F 63 27.71 -55.34 43.34
CA ASP F 63 28.94 -55.78 43.98
C ASP F 63 30.08 -54.81 43.64
N THR F 64 30.76 -54.33 44.68
CA THR F 64 31.89 -53.42 44.53
C THR F 64 33.12 -54.03 45.19
N PRO F 65 34.22 -54.19 44.46
CA PRO F 65 35.42 -54.80 45.07
C PRO F 65 36.01 -53.94 46.17
N ALA F 66 35.37 -53.95 47.35
CA ALA F 66 35.80 -53.16 48.49
C ALA F 66 35.93 -51.68 48.13
N GLY F 67 34.97 -51.19 47.35
CA GLY F 67 34.98 -49.80 46.94
C GLY F 67 34.43 -48.89 48.02
N VAL F 68 34.98 -47.68 48.09
CA VAL F 68 34.59 -46.68 49.07
C VAL F 68 33.83 -45.57 48.36
N LEU F 69 32.67 -45.20 48.91
CA LEU F 69 31.83 -44.12 48.39
C LEU F 69 31.42 -44.37 46.94
N SER F 70 31.11 -45.63 46.62
CA SER F 70 30.55 -45.93 45.32
C SER F 70 29.09 -45.48 45.26
N TYR F 71 28.73 -44.80 44.17
CA TYR F 71 27.45 -44.12 44.08
C TYR F 71 26.68 -44.54 42.83
N GLN F 72 25.35 -44.42 42.92
CA GLN F 72 24.47 -44.65 41.78
C GLN F 72 23.32 -43.65 41.87
N PHE F 73 22.57 -43.55 40.78
CA PHE F 73 21.51 -42.56 40.69
C PHE F 73 20.42 -42.81 41.73
N CYS F 74 19.76 -41.73 42.14
CA CYS F 74 18.73 -41.83 43.16
C CYS F 74 17.56 -42.66 42.64
N PRO F 75 16.99 -43.54 43.47
CA PRO F 75 15.88 -44.38 42.99
C PRO F 75 14.64 -43.61 42.56
N ASP F 76 14.35 -42.49 43.21
CA ASP F 76 13.25 -41.56 42.88
C ASP F 76 11.93 -42.28 42.60
N TYR F 77 11.48 -43.10 43.54
CA TYR F 77 10.08 -43.53 43.53
C TYR F 77 9.20 -42.64 44.39
N PHE F 78 9.76 -41.64 45.06
CA PHE F 78 8.99 -40.80 45.98
C PHE F 78 8.94 -39.37 45.48
N PRO F 79 7.89 -38.63 45.82
CA PRO F 79 7.86 -37.19 45.47
C PRO F 79 9.01 -36.41 46.08
N ASP F 80 9.49 -36.81 47.26
CA ASP F 80 10.64 -36.15 47.87
C ASP F 80 11.88 -36.32 47.01
N PHE F 81 12.09 -37.52 46.46
CA PHE F 81 13.31 -37.81 45.72
C PHE F 81 13.24 -37.24 44.31
N ASP F 82 14.41 -37.09 43.69
CA ASP F 82 14.58 -36.60 42.34
C ASP F 82 15.60 -37.44 41.60
N PRO F 83 15.54 -37.48 40.27
CA PRO F 83 16.47 -38.30 39.48
C PRO F 83 17.84 -37.66 39.27
N SER F 84 18.19 -36.60 40.00
CA SER F 84 19.46 -35.92 39.80
C SER F 84 20.52 -36.38 40.80
N GLU F 85 20.17 -36.50 42.07
CA GLU F 85 21.13 -36.78 43.11
C GLU F 85 21.56 -38.25 43.08
N LYS F 86 22.61 -38.56 43.85
CA LYS F 86 23.15 -39.90 43.95
C LYS F 86 23.49 -40.22 45.40
N VAL F 87 23.38 -41.50 45.77
CA VAL F 87 23.66 -41.98 47.12
C VAL F 87 24.87 -42.90 47.07
N THR F 88 25.64 -42.92 48.16
CA THR F 88 26.89 -43.68 48.18
C THR F 88 27.12 -44.26 49.57
N LYS F 89 27.95 -45.30 49.62
CA LYS F 89 28.37 -45.92 50.87
C LYS F 89 29.65 -46.71 50.60
N TYR F 90 30.19 -47.32 51.65
CA TYR F 90 31.46 -48.04 51.58
C TYR F 90 31.31 -49.40 52.24
N CYS F 91 31.77 -50.45 51.55
CA CYS F 91 31.72 -51.80 52.09
C CYS F 91 33.03 -52.17 52.78
N ASP F 92 32.91 -52.70 54.00
CA ASP F 92 34.03 -53.20 54.79
C ASP F 92 35.16 -52.18 54.93
N TRP F 97 29.36 -53.28 54.21
CA TRP F 97 28.62 -52.06 53.96
C TRP F 97 28.61 -51.17 55.20
N PHE F 98 28.30 -49.89 55.00
CA PHE F 98 28.42 -48.91 56.08
C PHE F 98 27.44 -49.25 57.20
N LYS F 99 27.96 -49.22 58.44
CA LYS F 99 27.17 -49.52 59.62
C LYS F 99 26.79 -48.22 60.31
N HIS F 100 25.50 -48.01 60.51
CA HIS F 100 25.02 -46.78 61.14
C HIS F 100 25.41 -46.76 62.61
N PRO F 101 26.06 -45.71 63.10
CA PRO F 101 26.43 -45.67 64.53
C PRO F 101 25.25 -45.73 65.47
N GLU F 102 24.10 -45.16 65.07
CA GLU F 102 22.95 -45.13 65.97
C GLU F 102 22.35 -46.51 66.17
N ASN F 103 22.16 -47.27 65.09
CA ASN F 103 21.49 -48.56 65.16
C ASN F 103 22.44 -49.75 65.08
N ASN F 104 23.74 -49.51 64.84
CA ASN F 104 24.72 -50.58 64.72
C ASN F 104 24.32 -51.61 63.66
N ARG F 105 23.76 -51.12 62.55
CA ARG F 105 23.29 -51.97 61.47
C ARG F 105 23.64 -51.33 60.14
N THR F 106 23.60 -52.15 59.08
CA THR F 106 23.91 -51.65 57.75
C THR F 106 22.91 -50.59 57.32
N TRP F 107 23.42 -49.48 56.78
CA TRP F 107 22.58 -48.38 56.36
C TRP F 107 23.33 -47.59 55.28
N SER F 108 22.58 -47.10 54.29
CA SER F 108 23.13 -46.36 53.17
C SER F 108 22.78 -44.88 53.29
N ASN F 109 23.74 -44.02 52.99
CA ASN F 109 23.56 -42.57 53.14
C ASN F 109 22.59 -42.06 52.08
N TYR F 110 21.44 -41.56 52.53
CA TYR F 110 20.43 -41.00 51.64
C TYR F 110 20.16 -39.52 51.93
N THR F 111 21.03 -38.86 52.69
CA THR F 111 20.80 -37.45 53.03
C THR F 111 20.90 -36.53 51.83
N MET F 112 21.61 -36.95 50.77
CA MET F 112 21.79 -36.11 49.60
C MET F 112 20.61 -36.19 48.63
N CYS F 113 19.65 -37.09 48.86
CA CYS F 113 18.50 -37.25 47.98
C CYS F 113 17.25 -36.55 48.48
N ASN F 114 17.38 -35.66 49.48
CA ASN F 114 16.20 -34.95 49.98
C ASN F 114 15.57 -34.09 48.89
N ALA F 115 16.40 -33.40 48.10
CA ALA F 115 15.98 -32.68 46.90
C ALA F 115 14.96 -31.58 47.17
N PHE F 116 14.77 -31.20 48.43
CA PHE F 116 13.86 -30.11 48.79
C PHE F 116 14.57 -29.07 49.65
N THR F 117 15.87 -28.87 49.41
CA THR F 117 16.60 -27.85 50.14
C THR F 117 16.13 -26.46 49.72
N PRO F 118 16.24 -25.46 50.60
CA PRO F 118 15.75 -24.11 50.25
C PRO F 118 16.44 -23.52 49.03
N GLU F 119 17.66 -23.95 48.70
CA GLU F 119 18.36 -23.39 47.56
C GLU F 119 17.65 -23.70 46.25
N LYS F 120 17.30 -24.97 46.04
CA LYS F 120 16.59 -25.34 44.82
C LYS F 120 15.15 -24.85 44.83
N LEU F 121 14.54 -24.77 46.02
CA LEU F 121 13.19 -24.21 46.13
C LEU F 121 13.19 -22.74 45.74
N LYS F 122 14.24 -22.01 46.11
CA LYS F 122 14.35 -20.61 45.71
C LYS F 122 14.45 -20.49 44.19
N ASN F 123 15.15 -21.42 43.54
CA ASN F 123 15.24 -21.39 42.08
C ASN F 123 13.87 -21.53 41.44
N ALA F 124 13.05 -22.44 41.95
CA ALA F 124 11.68 -22.57 41.45
C ALA F 124 10.79 -21.43 41.93
N TYR F 125 11.12 -20.85 43.08
CA TYR F 125 10.36 -19.71 43.58
C TYR F 125 10.47 -18.52 42.64
N VAL F 126 11.68 -18.26 42.12
CA VAL F 126 11.86 -17.19 41.16
C VAL F 126 11.12 -17.50 39.86
N LEU F 127 11.21 -18.76 39.40
CA LEU F 127 10.54 -19.15 38.17
C LEU F 127 9.03 -19.03 38.29
N TYR F 128 8.48 -19.34 39.47
CA TYR F 128 7.04 -19.24 39.68
C TYR F 128 6.55 -17.81 39.49
N TYR F 129 7.25 -16.85 40.09
CA TYR F 129 6.88 -15.45 39.93
C TYR F 129 7.26 -14.91 38.56
N LEU F 130 8.28 -15.48 37.92
CA LEU F 130 8.61 -15.10 36.56
C LEU F 130 7.48 -15.46 35.60
N ALA F 131 6.86 -16.62 35.79
CA ALA F 131 5.74 -17.01 34.95
C ALA F 131 4.56 -16.06 35.14
N ILE F 132 4.25 -15.70 36.38
CA ILE F 132 3.13 -14.81 36.64
C ILE F 132 3.39 -13.43 36.05
N VAL F 133 4.58 -12.89 36.24
CA VAL F 133 4.91 -11.58 35.71
C VAL F 133 4.87 -11.58 34.19
N GLY F 134 5.46 -12.60 33.58
CA GLY F 134 5.46 -12.68 32.13
C GLY F 134 4.08 -12.88 31.54
N HIS F 135 3.29 -13.76 32.15
CA HIS F 135 1.96 -14.06 31.61
C HIS F 135 1.01 -12.88 31.82
N SER F 136 1.06 -12.24 32.98
CA SER F 136 0.20 -11.09 33.23
C SER F 136 0.54 -9.93 32.29
N LEU F 137 1.84 -9.70 32.05
CA LEU F 137 2.23 -8.68 31.10
C LEU F 137 1.89 -9.07 29.67
N SER F 138 1.91 -10.38 29.36
CA SER F 138 1.59 -10.83 28.02
C SER F 138 0.15 -10.52 27.65
N ILE F 139 -0.79 -10.77 28.57
CA ILE F 139 -2.19 -10.47 28.29
C ILE F 139 -2.41 -8.96 28.25
N PHE F 140 -1.61 -8.19 28.99
CA PHE F 140 -1.74 -6.74 28.95
C PHE F 140 -1.41 -6.22 27.55
N THR F 141 -0.27 -6.64 27.01
CA THR F 141 0.13 -6.19 25.68
C THR F 141 -0.76 -6.78 24.59
N LEU F 142 -1.41 -7.89 24.85
CA LEU F 142 -2.20 -8.57 23.83
C LEU F 142 -3.67 -8.18 23.84
N VAL F 143 -4.21 -7.78 24.99
CA VAL F 143 -5.63 -7.42 25.06
C VAL F 143 -5.90 -6.16 24.26
N ILE F 144 -4.96 -5.21 24.26
CA ILE F 144 -5.12 -4.00 23.46
C ILE F 144 -4.55 -4.15 22.06
N SER F 145 -3.64 -5.11 21.85
CA SER F 145 -3.19 -5.40 20.49
C SER F 145 -4.31 -6.01 19.66
N LEU F 146 -5.08 -6.92 20.25
CA LEU F 146 -6.24 -7.47 19.56
C LEU F 146 -7.32 -6.43 19.33
N GLY F 147 -7.49 -5.49 20.27
CA GLY F 147 -8.48 -4.45 20.10
C GLY F 147 -8.19 -3.54 18.93
N ILE F 148 -6.90 -3.28 18.68
CA ILE F 148 -6.51 -2.41 17.56
C ILE F 148 -6.91 -3.06 16.23
N PHE F 149 -6.65 -4.37 16.10
CA PHE F 149 -6.95 -5.05 14.84
C PHE F 149 -8.44 -5.06 14.54
N VAL F 150 -9.27 -5.29 15.56
CA VAL F 150 -10.71 -5.35 15.33
C VAL F 150 -11.32 -3.95 15.20
N PHE F 151 -10.73 -2.95 15.86
CA PHE F 151 -11.28 -1.60 15.79
C PHE F 151 -11.02 -0.96 14.42
N PHE F 152 -9.80 -1.13 13.90
CA PHE F 152 -9.43 -0.54 12.62
C PHE F 152 -9.80 -1.52 11.50
N ARG F 153 -10.85 -1.20 10.75
CA ARG F 153 -11.27 -2.05 9.65
C ARG F 153 -10.35 -1.93 8.44
N SER F 154 -9.65 -0.80 8.29
CA SER F 154 -8.75 -0.63 7.16
C SER F 154 -7.61 -1.63 7.20
N LEU F 155 -7.05 -1.87 8.39
CA LEU F 155 -5.98 -2.85 8.54
C LEU F 155 -6.44 -4.28 8.33
N GLY F 156 -7.74 -4.53 8.35
CA GLY F 156 -8.23 -5.91 8.21
C GLY F 156 -7.86 -6.49 6.86
N CYS F 157 -7.47 -7.75 6.86
CA CYS F 157 -7.08 -8.46 5.65
C CYS F 157 -7.09 -9.96 5.95
N GLN F 158 -6.74 -10.75 4.93
CA GLN F 158 -6.67 -12.19 5.11
C GLN F 158 -5.60 -12.57 6.13
N ARG F 159 -4.47 -11.87 6.11
CA ARG F 159 -3.41 -12.13 7.09
C ARG F 159 -3.86 -11.79 8.50
N VAL F 160 -4.66 -10.73 8.65
CA VAL F 160 -5.06 -10.26 9.99
C VAL F 160 -5.95 -11.29 10.67
N THR F 161 -6.80 -11.98 9.91
CA THR F 161 -7.75 -12.93 10.50
C THR F 161 -7.02 -14.04 11.25
N LEU F 162 -5.93 -14.56 10.67
CA LEU F 162 -5.15 -15.58 11.37
C LEU F 162 -4.51 -15.02 12.63
N HIS F 163 -4.02 -13.77 12.57
CA HIS F 163 -3.44 -13.15 13.75
C HIS F 163 -4.50 -12.95 14.84
N LYS F 164 -5.72 -12.58 14.44
CA LYS F 164 -6.78 -12.38 15.42
C LYS F 164 -7.08 -13.67 16.18
N ASN F 165 -7.13 -14.79 15.47
CA ASN F 165 -7.31 -16.08 16.13
C ASN F 165 -6.11 -16.42 17.01
N MET F 166 -4.90 -16.16 16.50
CA MET F 166 -3.70 -16.44 17.29
C MET F 166 -3.64 -15.58 18.53
N PHE F 167 -4.00 -14.29 18.42
CA PHE F 167 -4.04 -13.43 19.59
C PHE F 167 -5.15 -13.86 20.55
N LEU F 168 -6.27 -14.37 20.03
CA LEU F 168 -7.36 -14.81 20.89
C LEU F 168 -6.94 -16.02 21.72
N THR F 169 -6.29 -17.01 21.09
CA THR F 169 -5.86 -18.19 21.81
C THR F 169 -4.65 -17.94 22.69
N TYR F 170 -3.90 -16.87 22.44
CA TYR F 170 -2.76 -16.54 23.30
C TYR F 170 -3.24 -15.98 24.64
N ILE F 171 -4.25 -15.11 24.61
CA ILE F 171 -4.72 -14.47 25.84
C ILE F 171 -5.38 -15.48 26.76
N LEU F 172 -6.28 -16.31 26.21
CA LEU F 172 -7.01 -17.25 27.05
C LEU F 172 -6.11 -18.35 27.59
N ASN F 173 -5.14 -18.81 26.79
CA ASN F 173 -4.20 -19.80 27.29
C ASN F 173 -3.36 -19.24 28.43
N SER F 174 -2.91 -17.99 28.30
CA SER F 174 -2.20 -17.35 29.39
C SER F 174 -3.11 -17.09 30.59
N MET F 175 -4.40 -16.84 30.35
CA MET F 175 -5.34 -16.65 31.43
C MET F 175 -5.48 -17.92 32.26
N ILE F 176 -5.54 -19.08 31.59
CA ILE F 176 -5.65 -20.35 32.31
C ILE F 176 -4.39 -20.62 33.12
N ILE F 177 -3.22 -20.33 32.54
CA ILE F 177 -1.96 -20.57 33.25
C ILE F 177 -1.89 -19.75 34.52
N ILE F 178 -2.30 -18.48 34.45
CA ILE F 178 -2.28 -17.62 35.64
C ILE F 178 -3.21 -18.18 36.71
N ILE F 179 -4.42 -18.58 36.31
CA ILE F 179 -5.38 -19.09 37.29
C ILE F 179 -5.07 -20.52 37.71
N HIS F 180 -4.32 -21.28 36.91
CA HIS F 180 -3.96 -22.63 37.30
C HIS F 180 -2.90 -22.64 38.39
N LEU F 181 -1.99 -21.66 38.36
CA LEU F 181 -0.90 -21.62 39.33
C LEU F 181 -1.29 -20.97 40.65
N VAL F 182 -2.46 -20.34 40.74
CA VAL F 182 -2.87 -19.63 41.94
C VAL F 182 -4.16 -20.14 42.54
N GLU F 183 -4.88 -21.03 41.88
CA GLU F 183 -6.18 -21.50 42.39
C GLU F 183 -6.22 -22.98 42.69
N VAL F 184 -5.61 -23.82 41.85
CA VAL F 184 -5.63 -25.27 42.09
C VAL F 184 -4.29 -25.82 42.54
N VAL F 185 -3.18 -25.16 42.22
CA VAL F 185 -1.85 -25.63 42.61
C VAL F 185 -1.56 -25.32 44.08
N PRO F 186 -1.67 -24.07 44.55
CA PRO F 186 -1.23 -23.77 45.93
C PRO F 186 -2.01 -24.51 47.00
N ASN F 187 -3.28 -24.82 46.78
CA ASN F 187 -4.13 -25.43 47.78
C ASN F 187 -4.18 -26.94 47.58
N GLY F 188 -3.93 -27.69 48.66
CA GLY F 188 -4.04 -29.13 48.63
C GLY F 188 -5.40 -29.67 48.99
N GLU F 189 -6.28 -28.83 49.54
CA GLU F 189 -7.62 -29.28 49.90
C GLU F 189 -8.52 -29.44 48.67
N LEU F 190 -8.22 -28.72 47.58
CA LEU F 190 -9.04 -28.83 46.38
C LEU F 190 -8.84 -30.18 45.70
N VAL F 191 -7.62 -30.72 45.74
CA VAL F 191 -7.33 -31.97 45.05
C VAL F 191 -7.70 -33.18 45.90
N ARG F 192 -7.64 -33.07 47.23
CA ARG F 192 -7.94 -34.21 48.08
C ARG F 192 -9.40 -34.64 47.97
N ARG F 193 -10.31 -33.67 47.88
CA ARG F 193 -11.74 -33.97 47.81
C ARG F 193 -12.12 -34.71 46.53
N ASP F 194 -11.27 -34.65 45.50
CA ASP F 194 -11.50 -35.30 44.21
C ASP F 194 -12.79 -34.79 43.57
N PRO F 195 -12.85 -33.53 43.15
CA PRO F 195 -14.05 -33.03 42.50
C PRO F 195 -14.03 -33.27 41.00
N VAL F 196 -15.23 -33.50 40.44
CA VAL F 196 -15.34 -33.73 38.99
C VAL F 196 -15.02 -32.46 38.23
N SER F 197 -15.43 -31.30 38.77
CA SER F 197 -15.22 -30.03 38.07
C SER F 197 -13.74 -29.72 37.88
N CYS F 198 -12.89 -30.15 38.83
CA CYS F 198 -11.45 -29.92 38.68
C CYS F 198 -10.88 -30.67 37.49
N LYS F 199 -11.36 -31.88 37.25
CA LYS F 199 -10.92 -32.64 36.07
C LYS F 199 -11.31 -31.92 34.78
N ILE F 200 -12.51 -31.33 34.76
CA ILE F 200 -12.96 -30.59 33.59
C ILE F 200 -12.06 -29.37 33.35
N LEU F 201 -11.67 -28.68 34.42
CA LEU F 201 -10.83 -27.50 34.27
C LEU F 201 -9.48 -27.86 33.65
N HIS F 202 -8.88 -28.97 34.10
CA HIS F 202 -7.63 -29.41 33.49
C HIS F 202 -7.86 -29.94 32.08
N PHE F 203 -9.02 -30.54 31.83
CA PHE F 203 -9.35 -31.00 30.47
C PHE F 203 -9.42 -29.82 29.51
N PHE F 204 -10.04 -28.72 29.93
CA PHE F 204 -10.05 -27.51 29.11
C PHE F 204 -8.65 -26.93 28.97
N HIS F 205 -7.86 -26.98 30.05
CA HIS F 205 -6.49 -26.47 29.98
C HIS F 205 -5.64 -27.26 29.00
N GLN F 206 -5.77 -28.59 29.02
CA GLN F 206 -4.97 -29.42 28.13
C GLN F 206 -5.29 -29.15 26.66
N TYR F 207 -6.57 -29.03 26.33
CA TYR F 207 -6.95 -28.78 24.94
C TYR F 207 -6.56 -27.38 24.50
N MET F 208 -6.81 -26.37 25.34
CA MET F 208 -6.55 -25.00 24.93
C MET F 208 -5.05 -24.73 24.81
N MET F 209 -4.25 -25.31 25.70
CA MET F 209 -2.80 -25.17 25.60
C MET F 209 -2.29 -25.77 24.30
N ALA F 210 -2.77 -26.96 23.95
CA ALA F 210 -2.41 -27.55 22.66
C ALA F 210 -3.00 -26.77 21.50
N CYS F 211 -4.15 -26.12 21.72
CA CYS F 211 -4.76 -25.31 20.67
C CYS F 211 -3.84 -24.16 20.27
N ASN F 212 -3.18 -23.54 21.25
CA ASN F 212 -2.26 -22.46 20.95
C ASN F 212 -1.07 -22.95 20.11
N TYR F 213 -0.54 -24.13 20.44
CA TYR F 213 0.60 -24.66 19.72
C TYR F 213 0.22 -25.19 18.34
N PHE F 214 -0.97 -25.77 18.20
CA PHE F 214 -1.42 -26.21 16.89
C PHE F 214 -1.66 -25.04 15.94
N TRP F 215 -2.01 -23.88 16.47
CA TRP F 215 -2.22 -22.71 15.63
C TRP F 215 -0.92 -22.18 15.04
N MET F 216 0.23 -22.51 15.64
CA MET F 216 1.50 -22.13 15.06
C MET F 216 1.71 -22.80 13.70
N LEU F 217 1.34 -24.08 13.61
CA LEU F 217 1.43 -24.77 12.32
C LEU F 217 0.46 -24.18 11.30
N CYS F 218 -0.71 -23.73 11.74
CA CYS F 218 -1.66 -23.12 10.83
C CYS F 218 -1.10 -21.87 10.18
N GLU F 219 -0.44 -21.02 10.98
CA GLU F 219 0.22 -19.85 10.41
C GLU F 219 1.51 -20.24 9.67
N GLY F 220 2.18 -21.30 10.12
CA GLY F 220 3.36 -21.77 9.41
C GLY F 220 3.03 -22.26 8.01
N ILE F 221 1.91 -22.97 7.87
CA ILE F 221 1.45 -23.39 6.54
C ILE F 221 1.08 -22.16 5.71
N TYR F 222 0.43 -21.17 6.34
CA TYR F 222 0.10 -19.94 5.65
C TYR F 222 1.36 -19.21 5.19
N LEU F 223 2.39 -19.17 6.03
CA LEU F 223 3.65 -18.56 5.64
C LEU F 223 4.27 -19.31 4.46
N HIS F 224 4.25 -20.65 4.50
CA HIS F 224 4.77 -21.43 3.40
C HIS F 224 3.92 -21.31 2.14
N THR F 225 2.65 -20.92 2.28
CA THR F 225 1.75 -20.80 1.14
C THR F 225 1.92 -19.48 0.40
N LEU F 226 2.26 -18.39 1.10
CA LEU F 226 2.34 -17.07 0.49
C LEU F 226 3.76 -16.68 0.09
N ILE F 227 4.74 -17.55 0.27
CA ILE F 227 6.13 -17.21 0.04
C ILE F 227 6.74 -18.04 -1.09
N VAL F 228 6.70 -19.37 -0.98
CA VAL F 228 7.44 -20.25 -1.86
C VAL F 228 6.54 -21.06 -2.78
N VAL F 229 5.48 -21.65 -2.25
CA VAL F 229 4.64 -22.58 -3.00
C VAL F 229 3.24 -21.99 -3.13
N ALA F 230 2.74 -21.91 -4.37
CA ALA F 230 1.42 -21.37 -4.66
C ALA F 230 1.28 -19.93 -4.16
N VAL F 231 2.22 -19.09 -4.57
CA VAL F 231 2.22 -17.70 -4.13
C VAL F 231 1.21 -16.87 -4.95
N PHE F 232 1.00 -17.23 -6.22
CA PHE F 232 0.11 -16.45 -7.07
C PHE F 232 -1.33 -16.47 -6.56
N THR F 233 -1.81 -17.63 -6.12
CA THR F 233 -3.18 -17.78 -5.64
C THR F 233 -3.28 -17.20 -4.23
N GLU F 234 -3.52 -15.89 -4.16
CA GLU F 234 -3.66 -15.23 -2.86
C GLU F 234 -4.87 -15.73 -2.09
N LYS F 235 -6.00 -15.90 -2.78
CA LYS F 235 -7.24 -16.29 -2.12
C LYS F 235 -7.22 -17.78 -1.80
N GLN F 236 -7.61 -18.12 -0.56
CA GLN F 236 -7.74 -19.50 -0.14
C GLN F 236 -8.77 -19.58 0.96
N ARG F 237 -9.54 -20.67 0.97
CA ARG F 237 -10.59 -20.83 1.98
C ARG F 237 -9.98 -21.13 3.34
N LEU F 238 -10.50 -20.46 4.36
CA LEU F 238 -10.03 -20.64 5.74
C LEU F 238 -10.78 -21.71 6.50
N ARG F 239 -11.79 -22.34 5.89
CA ARG F 239 -12.57 -23.35 6.60
C ARG F 239 -11.71 -24.54 7.00
N TRP F 240 -10.65 -24.83 6.24
CA TRP F 240 -9.72 -25.87 6.64
C TRP F 240 -8.78 -25.39 7.74
N TYR F 241 -8.39 -24.12 7.71
CA TYR F 241 -7.52 -23.58 8.76
C TYR F 241 -8.22 -23.59 10.11
N TYR F 242 -9.50 -23.21 10.14
CA TYR F 242 -10.25 -23.23 11.39
C TYR F 242 -10.39 -24.64 11.94
N LEU F 243 -10.63 -25.62 11.06
CA LEU F 243 -10.77 -27.00 11.50
C LEU F 243 -9.48 -27.51 12.15
N LEU F 244 -8.33 -27.20 11.54
CA LEU F 244 -7.06 -27.61 12.14
C LEU F 244 -6.73 -26.79 13.37
N GLY F 245 -7.07 -25.50 13.36
CA GLY F 245 -6.75 -24.65 14.48
C GLY F 245 -7.49 -25.01 15.76
N TRP F 246 -8.79 -25.28 15.65
CA TRP F 246 -9.62 -25.52 16.82
C TRP F 246 -10.19 -26.94 16.86
N GLY F 247 -10.75 -27.42 15.75
CA GLY F 247 -11.34 -28.75 15.76
C GLY F 247 -10.33 -29.86 15.96
N PHE F 248 -9.19 -29.76 15.29
CA PHE F 248 -8.18 -30.82 15.37
C PHE F 248 -7.63 -31.04 16.78
N PRO F 249 -7.27 -30.01 17.56
CA PRO F 249 -6.73 -30.28 18.90
C PRO F 249 -7.70 -30.99 19.83
N LEU F 250 -8.99 -30.99 19.54
CA LEU F 250 -9.95 -31.69 20.39
C LEU F 250 -9.72 -33.20 20.37
N VAL F 251 -9.30 -33.75 19.23
CA VAL F 251 -9.14 -35.21 19.13
C VAL F 251 -8.07 -35.74 20.08
N PRO F 252 -6.84 -35.22 20.10
CA PRO F 252 -5.85 -35.74 21.05
C PRO F 252 -6.26 -35.56 22.51
N THR F 253 -6.93 -34.45 22.83
CA THR F 253 -7.35 -34.23 24.22
C THR F 253 -8.41 -35.24 24.62
N THR F 254 -9.38 -35.51 23.74
CA THR F 254 -10.38 -36.53 24.03
C THR F 254 -9.74 -37.91 24.16
N ILE F 255 -8.81 -38.22 23.26
CA ILE F 255 -8.11 -39.51 23.32
C ILE F 255 -7.30 -39.61 24.60
N HIS F 256 -6.62 -38.52 24.98
CA HIS F 256 -5.86 -38.52 26.22
C HIS F 256 -6.78 -38.66 27.43
N ALA F 257 -7.95 -38.04 27.40
CA ALA F 257 -8.87 -38.09 28.53
C ALA F 257 -9.37 -39.51 28.77
N ILE F 258 -9.78 -40.22 27.70
CA ILE F 258 -10.35 -41.54 27.87
C ILE F 258 -9.29 -42.54 28.31
N THR F 259 -8.08 -42.44 27.75
CA THR F 259 -7.03 -43.39 28.10
C THR F 259 -6.48 -43.15 29.51
N ARG F 260 -6.62 -41.94 30.04
CA ARG F 260 -6.16 -41.68 31.40
C ARG F 260 -7.09 -42.33 32.43
N ALA F 261 -8.41 -42.20 32.23
CA ALA F 261 -9.34 -42.72 33.22
C ALA F 261 -9.22 -44.24 33.37
N VAL F 262 -9.06 -44.95 32.26
CA VAL F 262 -9.00 -46.40 32.32
C VAL F 262 -7.69 -46.88 32.93
N TYR F 263 -6.59 -46.18 32.66
CA TYR F 263 -5.25 -46.66 33.02
C TYR F 263 -4.65 -45.93 34.21
N PHE F 264 -4.54 -44.60 34.15
CA PHE F 264 -3.85 -43.82 35.18
C PHE F 264 -4.75 -42.65 35.57
N ASN F 265 -5.60 -42.87 36.57
CA ASN F 265 -6.56 -41.87 37.03
C ASN F 265 -6.06 -41.28 38.34
N ASP F 266 -5.44 -40.11 38.26
CA ASP F 266 -4.92 -39.41 39.43
C ASP F 266 -5.86 -38.24 39.74
N ASN F 267 -5.89 -37.86 41.01
CA ASN F 267 -6.77 -36.80 41.48
C ASN F 267 -6.49 -35.50 40.72
N CYS F 268 -7.52 -34.98 40.04
CA CYS F 268 -7.49 -33.79 39.20
C CYS F 268 -6.65 -33.96 37.94
N TRP F 269 -6.04 -35.12 37.73
CA TRP F 269 -5.26 -35.42 36.53
C TRP F 269 -4.12 -34.43 36.32
N LEU F 270 -3.53 -33.96 37.42
CA LEU F 270 -2.40 -33.03 37.35
C LEU F 270 -1.05 -33.72 37.34
N SER F 271 -1.03 -35.05 37.29
CA SER F 271 0.23 -35.80 37.33
C SER F 271 1.04 -35.59 36.06
N VAL F 272 2.36 -35.51 36.22
CA VAL F 272 3.28 -35.50 35.10
C VAL F 272 4.14 -36.75 35.04
N GLU F 273 4.07 -37.62 36.04
CA GLU F 273 4.91 -38.81 36.13
C GLU F 273 4.41 -39.96 35.25
N THR F 274 3.51 -39.71 34.31
CA THR F 274 2.98 -40.74 33.44
C THR F 274 3.38 -40.46 31.99
N HIS F 275 3.51 -41.53 31.21
CA HIS F 275 3.86 -41.42 29.81
C HIS F 275 2.65 -41.15 28.92
N LEU F 276 1.44 -41.18 29.48
CA LEU F 276 0.24 -40.93 28.69
C LEU F 276 0.14 -39.48 28.23
N LEU F 277 0.90 -38.57 28.84
CA LEU F 277 0.93 -37.18 28.39
C LEU F 277 1.60 -37.02 27.03
N TYR F 278 2.31 -38.04 26.55
CA TYR F 278 2.89 -37.99 25.21
C TYR F 278 1.83 -38.00 24.12
N ILE F 279 0.62 -38.48 24.42
CA ILE F 279 -0.44 -38.53 23.42
C ILE F 279 -0.84 -37.11 23.01
N ILE F 280 -1.02 -36.22 23.98
CA ILE F 280 -1.38 -34.84 23.67
C ILE F 280 -0.17 -34.04 23.23
N HIS F 281 1.02 -34.37 23.74
CA HIS F 281 2.23 -33.63 23.45
C HIS F 281 3.01 -34.20 22.27
N GLY F 282 2.54 -35.29 21.67
CA GLY F 282 3.19 -35.88 20.52
C GLY F 282 2.98 -35.06 19.26
N PRO F 283 1.72 -34.96 18.81
CA PRO F 283 1.44 -34.12 17.63
C PRO F 283 1.82 -32.66 17.83
N VAL F 284 1.78 -32.16 19.07
CA VAL F 284 2.21 -30.79 19.33
C VAL F 284 3.68 -30.62 18.97
N MET F 285 4.52 -31.55 19.42
CA MET F 285 5.92 -31.54 19.03
C MET F 285 6.09 -31.83 17.55
N ALA F 286 5.28 -32.75 17.01
CA ALA F 286 5.38 -33.09 15.60
C ALA F 286 5.01 -31.90 14.72
N ALA F 287 3.97 -31.16 15.11
CA ALA F 287 3.59 -29.98 14.33
C ALA F 287 4.69 -28.93 14.31
N LEU F 288 5.35 -28.72 15.45
CA LEU F 288 6.44 -27.74 15.50
C LEU F 288 7.66 -28.23 14.73
N VAL F 289 7.84 -29.55 14.62
CA VAL F 289 8.92 -30.09 13.80
C VAL F 289 8.71 -29.74 12.34
N VAL F 290 7.46 -29.86 11.86
CA VAL F 290 7.14 -29.45 10.50
C VAL F 290 7.34 -27.96 10.33
N ASN F 291 7.01 -27.18 11.37
CA ASN F 291 7.22 -25.74 11.31
C ASN F 291 8.69 -25.38 11.17
N PHE F 292 9.59 -26.21 11.71
CA PHE F 292 11.02 -25.96 11.55
C PHE F 292 11.42 -26.07 10.08
N PHE F 293 10.88 -27.05 9.37
CA PHE F 293 11.20 -27.21 7.95
C PHE F 293 10.65 -26.03 7.14
N PHE F 294 9.48 -25.51 7.52
CA PHE F 294 8.92 -24.36 6.81
C PHE F 294 9.80 -23.13 6.96
N LEU F 295 10.36 -22.93 8.15
CA LEU F 295 11.25 -21.78 8.37
C LEU F 295 12.49 -21.87 7.49
N LEU F 296 13.06 -23.07 7.36
CA LEU F 296 14.24 -23.24 6.51
C LEU F 296 13.92 -22.95 5.06
N ASN F 297 12.74 -23.39 4.59
CA ASN F 297 12.35 -23.12 3.21
C ASN F 297 12.17 -21.63 2.97
N ILE F 298 11.58 -20.91 3.94
CA ILE F 298 11.42 -19.47 3.81
C ILE F 298 12.77 -18.78 3.84
N VAL F 299 13.67 -19.22 4.72
CA VAL F 299 14.99 -18.61 4.83
C VAL F 299 15.78 -18.79 3.53
N ARG F 300 15.75 -20.00 2.96
CA ARG F 300 16.49 -20.24 1.73
C ARG F 300 15.93 -19.43 0.57
N VAL F 301 14.63 -19.13 0.58
CA VAL F 301 14.05 -18.26 -0.43
C VAL F 301 14.51 -16.83 -0.22
N LEU F 302 14.57 -16.38 1.03
CA LEU F 302 14.96 -15.01 1.33
C LEU F 302 16.39 -14.74 0.88
N VAL F 303 17.31 -15.66 1.17
CA VAL F 303 18.70 -15.46 0.78
C VAL F 303 18.85 -15.58 -0.73
N THR F 304 18.01 -16.39 -1.38
CA THR F 304 18.06 -16.52 -2.83
C THR F 304 17.63 -15.24 -3.52
N LYS F 305 16.58 -14.59 -2.99
CA LYS F 305 16.06 -13.37 -3.62
C LYS F 305 17.09 -12.26 -3.63
N MET F 306 17.99 -12.24 -2.64
CA MET F 306 18.98 -11.17 -2.56
C MET F 306 20.18 -11.40 -3.46
N ARG F 307 20.39 -12.63 -3.94
CA ARG F 307 21.50 -12.90 -4.84
C ARG F 307 21.34 -12.17 -6.17
N GLU F 308 20.11 -12.15 -6.71
CA GLU F 308 19.86 -11.40 -7.93
C GLU F 308 19.96 -9.89 -7.69
N THR F 309 19.59 -9.43 -6.49
CA THR F 309 19.67 -8.01 -6.17
C THR F 309 21.12 -7.53 -6.05
N HIS F 310 22.07 -8.46 -5.82
CA HIS F 310 23.49 -8.13 -5.67
C HIS F 310 23.70 -7.16 -4.51
N GLU F 311 22.92 -7.33 -3.45
CA GLU F 311 23.04 -6.50 -2.26
C GLU F 311 24.26 -6.93 -1.45
N ALA F 312 24.80 -5.99 -0.68
CA ALA F 312 26.12 -6.16 -0.08
C ALA F 312 26.22 -7.41 0.79
N GLU F 313 27.33 -8.12 0.65
CA GLU F 313 27.51 -9.38 1.37
C GLU F 313 27.49 -9.16 2.88
N SER F 314 28.17 -8.13 3.36
CA SER F 314 28.28 -7.92 4.80
C SER F 314 27.01 -7.36 5.41
N HIS F 315 26.10 -6.81 4.61
CA HIS F 315 24.89 -6.18 5.14
C HIS F 315 23.71 -7.13 5.23
N MET F 316 23.65 -8.16 4.39
CA MET F 316 22.51 -9.07 4.41
C MET F 316 22.55 -10.02 5.60
N TYR F 317 23.72 -10.24 6.21
CA TYR F 317 23.82 -11.18 7.32
C TYR F 317 23.03 -10.69 8.53
N LEU F 318 23.10 -9.40 8.82
CA LEU F 318 22.46 -8.87 10.04
C LEU F 318 20.94 -8.92 9.94
N LYS F 319 20.37 -8.70 8.75
CA LYS F 319 18.92 -8.72 8.63
C LYS F 319 18.38 -10.11 8.30
N ALA F 320 19.24 -11.00 7.80
CA ALA F 320 18.81 -12.39 7.60
C ALA F 320 18.50 -13.06 8.92
N VAL F 321 19.38 -12.89 9.91
CA VAL F 321 19.10 -13.42 11.24
C VAL F 321 18.00 -12.62 11.92
N LYS F 322 17.86 -11.34 11.57
CA LYS F 322 16.77 -10.53 12.12
C LYS F 322 15.42 -11.07 11.70
N ALA F 323 15.28 -11.46 10.43
CA ALA F 323 14.03 -12.05 9.96
C ALA F 323 13.76 -13.37 10.67
N THR F 324 14.79 -14.19 10.86
CA THR F 324 14.62 -15.43 11.60
C THR F 324 14.27 -15.17 13.07
N MET F 325 14.89 -14.14 13.66
CA MET F 325 14.66 -13.85 15.07
C MET F 325 13.21 -13.46 15.33
N ILE F 326 12.63 -12.63 14.47
CA ILE F 326 11.25 -12.22 14.67
C ILE F 326 10.27 -13.34 14.34
N LEU F 327 10.70 -14.33 13.56
CA LEU F 327 9.84 -15.46 13.24
C LEU F 327 9.82 -16.53 14.33
N VAL F 328 10.79 -16.50 15.25
CA VAL F 328 10.82 -17.50 16.33
C VAL F 328 9.59 -17.41 17.23
N PRO F 329 9.20 -16.25 17.76
CA PRO F 329 8.00 -16.22 18.61
C PRO F 329 6.73 -16.62 17.88
N LEU F 330 6.62 -16.28 16.59
CA LEU F 330 5.40 -16.60 15.84
C LEU F 330 5.29 -18.09 15.58
N LEU F 331 6.39 -18.74 15.18
CA LEU F 331 6.37 -20.14 14.80
C LEU F 331 6.63 -21.09 15.98
N GLY F 332 6.98 -20.56 17.15
CA GLY F 332 7.32 -21.44 18.27
C GLY F 332 8.54 -22.30 18.01
N ILE F 333 9.58 -21.72 17.40
CA ILE F 333 10.76 -22.49 17.03
C ILE F 333 11.53 -22.93 18.27
N GLN F 334 11.51 -22.13 19.33
CA GLN F 334 12.33 -22.40 20.52
C GLN F 334 12.02 -23.74 21.15
N PHE F 335 10.84 -24.30 20.92
CA PHE F 335 10.51 -25.61 21.48
C PHE F 335 11.21 -26.75 20.77
N VAL F 336 11.80 -26.50 19.60
CA VAL F 336 12.43 -27.55 18.82
C VAL F 336 13.95 -27.42 18.92
N VAL F 337 14.43 -26.20 19.15
CA VAL F 337 15.87 -25.96 19.22
C VAL F 337 16.42 -26.40 20.57
N PHE F 338 15.67 -26.17 21.65
CA PHE F 338 16.09 -26.58 22.99
C PHE F 338 15.09 -27.59 23.55
N PRO F 339 15.08 -28.83 23.05
CA PRO F 339 14.01 -29.76 23.43
C PRO F 339 14.12 -30.32 24.84
N TRP F 340 15.31 -30.72 25.26
CA TRP F 340 15.48 -31.55 26.45
C TRP F 340 16.25 -30.81 27.53
N ARG F 341 15.85 -31.03 28.78
CA ARG F 341 16.56 -30.47 29.93
C ARG F 341 17.89 -31.19 30.15
N PRO F 342 18.96 -30.45 30.42
CA PRO F 342 20.26 -31.09 30.69
C PRO F 342 20.42 -31.50 32.15
N SER F 343 21.22 -32.53 32.40
CA SER F 343 21.38 -33.04 33.77
C SER F 343 22.29 -32.12 34.59
N ASN F 344 23.24 -31.44 33.94
CA ASN F 344 24.21 -30.63 34.66
C ASN F 344 23.48 -29.51 35.41
N LYS F 345 23.92 -29.25 36.63
CA LYS F 345 23.25 -28.27 37.49
C LYS F 345 23.35 -26.86 36.92
N MET F 346 24.58 -26.43 36.58
CA MET F 346 24.75 -25.09 36.02
C MET F 346 24.08 -24.98 34.65
N LEU F 347 24.25 -26.00 33.81
CA LEU F 347 23.62 -25.98 32.49
C LEU F 347 22.11 -26.15 32.60
N GLY F 348 21.65 -26.95 33.57
CA GLY F 348 20.22 -27.06 33.81
C GLY F 348 19.62 -25.78 34.33
N LYS F 349 20.38 -25.04 35.15
CA LYS F 349 19.93 -23.74 35.62
C LYS F 349 19.71 -22.78 34.46
N ILE F 350 20.62 -22.77 33.50
CA ILE F 350 20.48 -21.89 32.34
C ILE F 350 19.25 -22.26 31.53
N TYR F 351 19.07 -23.56 31.27
CA TYR F 351 17.96 -24.02 30.45
C TYR F 351 16.60 -23.75 31.10
N ASP F 352 16.52 -23.73 32.43
CA ASP F 352 15.28 -23.40 33.11
C ASP F 352 15.00 -21.91 33.07
N TYR F 353 16.04 -21.07 33.13
CA TYR F 353 15.84 -19.63 33.15
C TYR F 353 15.50 -19.08 31.76
N VAL F 354 16.07 -19.66 30.71
CA VAL F 354 15.87 -19.12 29.37
C VAL F 354 14.62 -19.70 28.70
N MET F 355 14.37 -21.01 28.86
CA MET F 355 13.19 -21.60 28.25
C MET F 355 11.91 -21.05 28.86
N HIS F 356 11.87 -20.92 30.19
CA HIS F 356 10.69 -20.35 30.84
C HIS F 356 10.52 -18.89 30.46
N SER F 357 11.62 -18.15 30.27
CA SER F 357 11.52 -16.77 29.84
C SER F 357 10.90 -16.66 28.45
N LEU F 358 11.33 -17.51 27.52
CA LEU F 358 10.78 -17.46 26.17
C LEU F 358 9.34 -17.95 26.13
N ILE F 359 9.02 -18.99 26.91
CA ILE F 359 7.67 -19.55 26.90
C ILE F 359 6.67 -18.55 27.47
N HIS F 360 6.99 -17.97 28.62
CA HIS F 360 6.05 -17.08 29.31
C HIS F 360 5.95 -15.72 28.63
N PHE F 361 7.03 -15.23 28.05
CA PHE F 361 7.03 -13.95 27.34
C PHE F 361 6.77 -14.09 25.85
N GLN F 362 6.39 -15.29 25.40
CA GLN F 362 6.15 -15.49 23.97
C GLN F 362 4.99 -14.63 23.48
N GLY F 363 3.92 -14.52 24.27
CA GLY F 363 2.80 -13.69 23.88
C GLY F 363 3.18 -12.22 23.74
N PHE F 364 4.01 -11.73 24.67
CA PHE F 364 4.48 -10.35 24.59
C PHE F 364 5.35 -10.14 23.36
N PHE F 365 6.23 -11.11 23.05
CA PHE F 365 7.11 -10.98 21.89
C PHE F 365 6.31 -10.95 20.59
N VAL F 366 5.29 -11.80 20.49
CA VAL F 366 4.48 -11.82 19.27
C VAL F 366 3.73 -10.50 19.10
N ALA F 367 3.15 -9.98 20.18
CA ALA F 367 2.38 -8.74 20.09
C ALA F 367 3.26 -7.56 19.73
N THR F 368 4.45 -7.47 20.32
CA THR F 368 5.29 -6.29 20.11
C THR F 368 5.94 -6.26 18.73
N ILE F 369 5.93 -7.37 18.01
CA ILE F 369 6.57 -7.43 16.70
C ILE F 369 5.57 -7.23 15.58
N TYR F 370 4.46 -7.96 15.60
CA TYR F 370 3.47 -7.90 14.53
C TYR F 370 2.38 -6.85 14.76
N CYS F 371 2.37 -6.20 15.92
CA CYS F 371 1.39 -5.16 16.18
C CYS F 371 2.02 -3.85 16.66
N PHE F 372 3.07 -3.92 17.48
CA PHE F 372 3.73 -2.74 18.00
C PHE F 372 4.95 -2.33 17.17
N CYS F 373 5.33 -3.14 16.18
CA CYS F 373 6.47 -2.84 15.31
C CYS F 373 6.09 -2.82 13.84
N ASN F 374 4.92 -3.31 13.48
CA ASN F 374 4.46 -3.30 12.10
C ASN F 374 4.36 -1.88 11.57
N ASN F 375 4.66 -1.72 10.28
CA ASN F 375 4.76 -0.38 9.70
C ASN F 375 3.38 0.23 9.45
N GLU F 376 2.55 -0.41 8.61
CA GLU F 376 1.25 0.17 8.29
C GLU F 376 0.32 0.18 9.49
N VAL F 377 0.60 -0.60 10.54
CA VAL F 377 -0.11 -0.42 11.80
C VAL F 377 0.30 0.90 12.46
N GLN F 378 1.60 1.20 12.45
CA GLN F 378 2.06 2.45 13.06
C GLN F 378 1.48 3.67 12.34
N THR F 379 1.48 3.65 11.01
CA THR F 379 0.99 4.80 10.26
C THR F 379 -0.49 5.05 10.52
N THR F 380 -1.28 3.98 10.60
CA THR F 380 -2.71 4.14 10.88
C THR F 380 -2.94 4.72 12.27
N VAL F 381 -2.16 4.27 13.26
CA VAL F 381 -2.33 4.78 14.62
C VAL F 381 -1.95 6.25 14.69
N LYS F 382 -0.83 6.63 14.06
CA LYS F 382 -0.44 8.03 14.04
C LYS F 382 -1.45 8.87 13.27
N ARG F 383 -1.92 8.37 12.13
CA ARG F 383 -2.93 9.09 11.36
C ARG F 383 -4.24 9.21 12.11
N GLN F 384 -4.66 8.13 12.79
CA GLN F 384 -5.88 8.19 13.59
C GLN F 384 -5.73 9.15 14.76
N TRP F 385 -4.57 9.14 15.42
CA TRP F 385 -4.35 10.04 16.54
C TRP F 385 -4.31 11.50 16.09
N ALA F 386 -3.81 11.77 14.88
CA ALA F 386 -3.80 13.13 14.36
C ALA F 386 -5.22 13.65 14.19
N GLN F 387 -6.13 12.82 13.71
CA GLN F 387 -7.52 13.24 13.57
C GLN F 387 -8.16 13.49 14.93
N PHE F 388 -7.85 12.64 15.92
CA PHE F 388 -8.47 12.79 17.23
C PHE F 388 -8.06 14.10 17.89
N LYS F 389 -6.78 14.48 17.78
CA LYS F 389 -6.35 15.75 18.35
C LYS F 389 -6.93 16.94 17.61
N ILE F 390 -7.23 16.78 16.32
CA ILE F 390 -7.89 17.84 15.57
C ILE F 390 -9.33 18.00 16.03
N GLN F 391 -10.03 16.88 16.25
CA GLN F 391 -11.41 16.95 16.71
C GLN F 391 -11.51 17.58 18.10
N TRP F 392 -10.59 17.21 18.99
CA TRP F 392 -10.60 17.76 20.35
C TRP F 392 -9.93 19.13 20.39
#